data_7YDB
#
_entry.id   7YDB
#
_cell.length_a   57.053
_cell.length_b   144.347
_cell.length_c   62.741
_cell.angle_alpha   90.000
_cell.angle_beta   100.060
_cell.angle_gamma   90.000
#
_symmetry.space_group_name_H-M   'P 1 21 1'
#
loop_
_entity.id
_entity.type
_entity.pdbx_description
1 polymer 'Bifunctional cytochrome P450/NADPH--P450 reductase'
2 non-polymer HYDROXYAMINE
3 non-polymer 'PROTOPORPHYRIN IX CONTAINING FE'
4 non-polymer PHENYLETHANE
5 non-polymer '(2~{S})-2-(5-imidazol-1-ylpentanoylamino)-3-phenyl-propanoic acid'
6 water water
#
_entity_poly.entity_id   1
_entity_poly.type   'polypeptide(L)'
_entity_poly.pdbx_seq_one_letter_code
;MGMTIKEMPQPKTFGELKNLPLLNTDKPVQALMKIADELGEIFKFEAPGRVTRYLSSQRLIKEACDESRFDKNLSQALKF
VRDFAGDGLVTSWTHEKNWKKAHNILLPSFSQQAMKGYHAMMVDIAVQLVQKWERLNADEHIEVPEDMTRLTLDTIGLCG
FNYRFNSFYRDQPHPFITSMVRALDEAMNKLQRANPDDPAYDENKRQFQEDIKVMNDLVDKIIADRKASGEQSDDLLTHM
LNGKDPETGEPLDDENIRYQIITFLIAGHEITSGLLSFALYFLVKNPHVLQKAAEEAARVLVDPVPSYKQVKQLKYVGMV
LNEALRLWPTAPAFSLYAKEDTVLGGEYPLEKGDELMVLIPQLHRDKTIWGDDVEEFRPERFENPSAIPQHAFKPFGNGQ
RACIGQQFALHEATLVLGMMLKHFDFEDHTNYELDIKETLTLKPEGFVVKAKSKKIPLLEHHHHHH
;
_entity_poly.pdbx_strand_id   A,B
#
# COMPACT_ATOMS: atom_id res chain seq x y z
N GLU A 7 7.14 -12.10 -32.81
CA GLU A 7 8.56 -12.02 -32.53
C GLU A 7 8.86 -11.05 -31.39
N MET A 8 9.82 -11.41 -30.58
CA MET A 8 10.05 -10.63 -29.40
C MET A 8 10.86 -9.38 -29.73
N PRO A 9 10.49 -8.23 -29.17
CA PRO A 9 11.31 -7.03 -29.35
C PRO A 9 12.73 -7.29 -28.87
N GLN A 10 13.68 -6.61 -29.51
CA GLN A 10 15.04 -6.76 -29.10
C GLN A 10 15.71 -5.45 -29.44
N PRO A 11 16.55 -4.93 -28.58
CA PRO A 11 17.21 -3.66 -28.87
C PRO A 11 18.27 -3.80 -29.94
N LYS A 12 18.90 -2.68 -30.26
CA LYS A 12 19.84 -2.63 -31.37
C LYS A 12 21.04 -3.52 -31.08
N THR A 13 21.64 -4.00 -32.15
CA THR A 13 22.71 -4.97 -32.05
C THR A 13 23.99 -4.39 -32.62
N PHE A 14 25.08 -5.08 -32.30
CA PHE A 14 26.44 -4.66 -32.62
C PHE A 14 27.16 -5.82 -33.27
N GLY A 15 26.64 -6.28 -34.40
CA GLY A 15 27.26 -7.39 -35.09
C GLY A 15 27.37 -8.61 -34.20
N GLU A 16 28.58 -9.19 -34.17
CA GLU A 16 28.82 -10.42 -33.41
C GLU A 16 28.61 -10.22 -31.92
N LEU A 17 28.73 -8.99 -31.43
CA LEU A 17 28.50 -8.74 -30.02
C LEU A 17 27.01 -8.70 -29.67
N LYS A 18 26.13 -8.74 -30.66
CA LYS A 18 24.69 -8.79 -30.46
C LYS A 18 24.31 -7.57 -29.61
N ASN A 19 23.63 -7.74 -28.49
CA ASN A 19 23.25 -6.61 -27.66
C ASN A 19 24.26 -6.29 -26.58
N LEU A 20 25.29 -7.10 -26.42
CA LEU A 20 26.22 -6.93 -25.30
C LEU A 20 26.71 -5.50 -25.13
N PRO A 21 27.12 -4.78 -26.18
CA PRO A 21 27.64 -3.43 -25.96
C PRO A 21 26.63 -2.47 -25.36
N LEU A 22 25.35 -2.81 -25.38
CA LEU A 22 24.36 -1.92 -24.74
C LEU A 22 24.60 -1.84 -23.25
N LEU A 23 25.21 -2.86 -22.67
CA LEU A 23 25.53 -2.83 -21.27
C LEU A 23 26.92 -2.31 -21.01
N ASN A 24 27.67 -1.98 -22.07
CA ASN A 24 28.95 -1.31 -21.96
C ASN A 24 28.66 0.18 -21.85
N THR A 25 28.09 0.54 -20.71
CA THR A 25 27.67 1.89 -20.45
C THR A 25 27.77 2.09 -18.95
N ASP A 26 27.95 3.34 -18.53
CA ASP A 26 28.09 3.60 -17.11
C ASP A 26 26.82 3.23 -16.34
N LYS A 27 25.67 3.25 -17.01
CA LYS A 27 24.38 3.07 -16.34
C LYS A 27 23.59 1.99 -17.06
N PRO A 28 23.98 0.72 -16.90
CA PRO A 28 23.31 -0.33 -17.66
C PRO A 28 21.87 -0.56 -17.24
N VAL A 29 21.56 -0.50 -15.95
CA VAL A 29 20.16 -0.69 -15.55
C VAL A 29 19.31 0.40 -16.18
N GLN A 30 19.78 1.63 -16.10
CA GLN A 30 19.01 2.72 -16.68
C GLN A 30 18.95 2.59 -18.19
N ALA A 31 20.01 2.05 -18.81
CA ALA A 31 19.95 1.75 -20.23
C ALA A 31 18.88 0.71 -20.51
N LEU A 32 18.84 -0.33 -19.67
CA LEU A 32 17.84 -1.36 -19.86
C LEU A 32 16.45 -0.83 -19.59
N MET A 33 16.31 0.08 -18.63
CA MET A 33 15.00 0.68 -18.41
C MET A 33 14.56 1.47 -19.62
N LYS A 34 15.49 2.19 -20.24
CA LYS A 34 15.14 2.98 -21.42
C LYS A 34 14.75 2.05 -22.56
N ILE A 35 15.49 0.96 -22.73
CA ILE A 35 15.11 -0.04 -23.71
C ILE A 35 13.73 -0.59 -23.40
N ALA A 36 13.49 -0.90 -22.13
CA ALA A 36 12.17 -1.38 -21.74
C ALA A 36 11.11 -0.36 -22.07
N ASP A 37 11.37 0.91 -21.79
CA ASP A 37 10.41 1.95 -22.15
C ASP A 37 10.13 1.91 -23.64
N GLU A 38 11.16 1.71 -24.45
CA GLU A 38 10.97 1.72 -25.90
C GLU A 38 10.34 0.43 -26.39
N LEU A 39 10.76 -0.71 -25.86
CA LEU A 39 10.35 -1.99 -26.42
C LEU A 39 9.18 -2.62 -25.68
N GLY A 40 8.95 -2.26 -24.44
CA GLY A 40 7.76 -2.75 -23.78
C GLY A 40 8.06 -3.79 -22.73
N GLU A 41 7.08 -4.64 -22.48
CA GLU A 41 7.10 -5.48 -21.30
C GLU A 41 8.12 -6.60 -21.39
N ILE A 42 8.61 -6.89 -22.58
CA ILE A 42 9.57 -7.97 -22.72
C ILE A 42 10.45 -7.64 -23.90
N PHE A 43 11.75 -7.79 -23.71
CA PHE A 43 12.63 -7.74 -24.87
C PHE A 43 13.71 -8.78 -24.70
N LYS A 44 14.15 -9.30 -25.83
CA LYS A 44 15.23 -10.26 -25.85
C LYS A 44 16.53 -9.51 -25.78
N PHE A 45 17.46 -10.05 -25.03
CA PHE A 45 18.79 -9.47 -24.95
C PHE A 45 19.78 -10.58 -25.20
N GLU A 46 20.53 -10.44 -26.28
CA GLU A 46 21.49 -11.45 -26.69
C GLU A 46 22.89 -10.90 -26.50
N ALA A 47 23.77 -11.74 -26.02
CA ALA A 47 25.20 -11.47 -25.96
C ALA A 47 25.85 -12.71 -26.52
N PRO A 48 27.13 -12.65 -26.86
CA PRO A 48 27.80 -13.87 -27.30
C PRO A 48 27.63 -14.98 -26.29
N GLY A 49 26.99 -16.07 -26.69
CA GLY A 49 26.78 -17.20 -25.79
C GLY A 49 25.78 -16.99 -24.68
N ARG A 50 24.94 -15.95 -24.77
CA ARG A 50 23.94 -15.71 -23.74
C ARG A 50 22.69 -15.17 -24.42
N VAL A 51 21.54 -15.61 -23.94
CA VAL A 51 20.26 -15.02 -24.30
C VAL A 51 19.47 -14.84 -23.03
N THR A 52 18.91 -13.66 -22.84
CA THR A 52 17.94 -13.50 -21.79
C THR A 52 16.81 -12.64 -22.31
N ARG A 53 15.75 -12.58 -21.52
CA ARG A 53 14.57 -11.81 -21.86
C ARG A 53 14.27 -10.92 -20.68
N TYR A 54 14.28 -9.62 -20.91
CA TYR A 54 14.05 -8.68 -19.84
C TYR A 54 12.55 -8.43 -19.74
N LEU A 55 12.01 -8.65 -18.55
CA LEU A 55 10.60 -8.49 -18.30
C LEU A 55 10.40 -7.21 -17.51
N SER A 56 9.40 -6.45 -17.90
CA SER A 56 9.14 -5.19 -17.27
C SER A 56 7.72 -5.01 -16.81
N SER A 57 6.80 -5.89 -17.18
CA SER A 57 5.42 -5.69 -16.80
C SER A 57 5.08 -6.64 -15.66
N GLN A 58 4.19 -6.17 -14.80
CA GLN A 58 3.71 -7.03 -13.73
C GLN A 58 3.02 -8.25 -14.32
N ARG A 59 2.36 -8.08 -15.46
CA ARG A 59 1.64 -9.18 -16.08
C ARG A 59 2.59 -10.35 -16.37
N LEU A 60 3.74 -10.04 -16.95
CA LEU A 60 4.69 -11.10 -17.25
C LEU A 60 5.48 -11.50 -16.02
N ILE A 61 5.87 -10.52 -15.22
CA ILE A 61 6.68 -10.82 -14.06
C ILE A 61 5.90 -11.67 -13.06
N LYS A 62 4.60 -11.43 -12.93
CA LYS A 62 3.81 -12.28 -12.05
C LYS A 62 3.94 -13.74 -12.47
N GLU A 63 3.98 -13.99 -13.77
CA GLU A 63 4.15 -15.35 -14.25
C GLU A 63 5.56 -15.83 -13.98
N ALA A 64 6.55 -14.98 -14.25
CA ALA A 64 7.92 -15.37 -14.02
C ALA A 64 8.16 -15.68 -12.57
N CYS A 65 7.35 -15.10 -11.68
CA CYS A 65 7.49 -15.31 -10.25
C CYS A 65 6.74 -16.51 -9.77
N ASP A 66 6.11 -17.25 -10.67
CA ASP A 66 5.54 -18.54 -10.33
C ASP A 66 6.69 -19.53 -10.17
N GLU A 67 6.96 -19.89 -8.91
CA GLU A 67 8.11 -20.74 -8.61
C GLU A 67 7.92 -22.15 -9.10
N SER A 68 6.70 -22.55 -9.44
CA SER A 68 6.50 -23.86 -10.03
C SER A 68 6.97 -23.89 -11.48
N ARG A 69 7.11 -22.72 -12.10
CA ARG A 69 7.51 -22.63 -13.50
C ARG A 69 8.89 -22.04 -13.69
N PHE A 70 9.32 -21.20 -12.78
CA PHE A 70 10.59 -20.50 -12.93
C PHE A 70 11.32 -20.54 -11.62
N ASP A 71 12.61 -20.77 -11.70
CA ASP A 71 13.46 -20.76 -10.54
C ASP A 71 14.46 -19.64 -10.71
N LYS A 72 15.10 -19.28 -9.61
CA LYS A 72 16.12 -18.26 -9.68
C LYS A 72 17.24 -18.72 -10.59
N ASN A 73 17.64 -17.85 -11.48
CA ASN A 73 18.83 -18.03 -12.27
C ASN A 73 19.91 -17.12 -11.71
N LEU A 74 21.15 -17.56 -11.81
CA LEU A 74 22.27 -16.65 -11.58
C LEU A 74 22.49 -15.85 -12.84
N SER A 75 22.19 -14.56 -12.77
CA SER A 75 22.59 -13.66 -13.84
C SER A 75 24.10 -13.76 -14.01
N GLN A 76 24.60 -13.25 -15.14
CA GLN A 76 26.04 -13.24 -15.33
C GLN A 76 26.73 -12.47 -14.20
N ALA A 77 26.10 -11.38 -13.74
CA ALA A 77 26.63 -10.65 -12.60
C ALA A 77 26.76 -11.57 -11.38
N LEU A 78 25.68 -12.29 -11.05
CA LEU A 78 25.72 -13.19 -9.91
C LEU A 78 26.75 -14.27 -10.10
N LYS A 79 26.87 -14.79 -11.32
CA LYS A 79 27.86 -15.83 -11.59
C LYS A 79 29.27 -15.32 -11.31
N PHE A 80 29.54 -14.07 -11.66
CA PHE A 80 30.86 -13.52 -11.43
C PHE A 80 31.05 -13.19 -9.95
N VAL A 81 30.01 -12.73 -9.28
CA VAL A 81 30.09 -12.49 -7.85
C VAL A 81 30.23 -13.81 -7.11
N ARG A 82 29.68 -14.88 -7.67
CA ARG A 82 29.83 -16.19 -7.07
C ARG A 82 31.29 -16.57 -6.87
N ASP A 83 32.20 -16.00 -7.67
CA ASP A 83 33.61 -16.28 -7.49
C ASP A 83 34.12 -15.86 -6.11
N PHE A 84 33.44 -14.92 -5.46
CA PHE A 84 33.78 -14.59 -4.07
C PHE A 84 32.63 -14.75 -3.11
N ALA A 85 31.38 -14.74 -3.57
CA ALA A 85 30.27 -15.02 -2.68
C ALA A 85 29.95 -16.49 -2.63
N GLY A 86 30.61 -17.29 -3.46
CA GLY A 86 30.53 -18.74 -3.38
C GLY A 86 29.12 -19.23 -3.46
N ASP A 87 28.80 -20.24 -2.66
CA ASP A 87 27.44 -20.74 -2.54
C ASP A 87 26.76 -20.16 -1.33
N GLY A 88 27.08 -18.91 -1.05
CA GLY A 88 26.23 -18.11 -0.19
C GLY A 88 24.84 -18.04 -0.77
N LEU A 89 23.93 -17.46 0.01
CA LEU A 89 22.51 -17.57 -0.33
C LEU A 89 22.19 -16.89 -1.65
N VAL A 90 22.82 -15.76 -1.94
CA VAL A 90 22.48 -15.00 -3.15
CA VAL A 90 22.40 -15.08 -3.15
C VAL A 90 23.00 -15.68 -4.39
N THR A 91 24.18 -16.31 -4.30
CA THR A 91 24.85 -16.81 -5.48
C THR A 91 24.77 -18.31 -5.59
N SER A 92 23.92 -18.94 -4.78
CA SER A 92 23.68 -20.36 -4.90
C SER A 92 22.44 -20.60 -5.75
N TRP A 93 22.48 -21.69 -6.49
CA TRP A 93 21.29 -22.16 -7.16
C TRP A 93 20.38 -22.81 -6.14
N THR A 94 19.08 -22.70 -6.40
CA THR A 94 18.12 -23.24 -5.45
C THR A 94 18.35 -24.72 -5.21
N HIS A 95 18.80 -25.43 -6.22
CA HIS A 95 18.98 -26.86 -6.10
C HIS A 95 20.31 -27.24 -5.46
N GLU A 96 21.17 -26.27 -5.17
CA GLU A 96 22.41 -26.62 -4.49
C GLU A 96 22.10 -26.85 -3.02
N LYS A 97 22.69 -27.92 -2.48
CA LYS A 97 22.42 -28.29 -1.11
C LYS A 97 22.59 -27.11 -0.17
N ASN A 98 23.62 -26.32 -0.37
CA ASN A 98 23.88 -25.23 0.56
C ASN A 98 22.88 -24.12 0.51
N TRP A 99 22.10 -24.04 -0.56
CA TRP A 99 21.08 -23.03 -0.57
C TRP A 99 20.04 -23.31 0.50
N LYS A 100 19.31 -24.41 0.35
CA LYS A 100 18.21 -24.66 1.28
C LYS A 100 18.74 -24.79 2.67
N LYS A 101 19.90 -25.40 2.79
CA LYS A 101 20.49 -25.55 4.11
C LYS A 101 20.69 -24.20 4.75
N ALA A 102 21.38 -23.29 4.05
CA ALA A 102 21.64 -21.98 4.64
C ALA A 102 20.34 -21.22 4.79
N HIS A 103 19.46 -21.33 3.81
CA HIS A 103 18.17 -20.68 3.89
C HIS A 103 17.44 -21.11 5.16
N ASN A 104 17.38 -22.41 5.41
CA ASN A 104 16.66 -22.86 6.60
C ASN A 104 17.34 -22.39 7.86
N ILE A 105 18.66 -22.45 7.88
CA ILE A 105 19.40 -22.05 9.06
C ILE A 105 19.24 -20.57 9.32
N LEU A 106 19.30 -19.77 8.25
CA LEU A 106 19.38 -18.33 8.42
C LEU A 106 18.04 -17.65 8.48
N LEU A 107 16.98 -18.26 7.97
CA LEU A 107 15.68 -17.61 8.01
C LEU A 107 15.32 -17.07 9.39
N PRO A 108 15.42 -17.84 10.48
CA PRO A 108 15.07 -17.28 11.79
C PRO A 108 15.98 -16.15 12.22
N SER A 109 17.19 -16.07 11.67
CA SER A 109 18.09 -14.99 12.00
C SER A 109 17.70 -13.70 11.32
N PHE A 110 16.78 -13.78 10.35
CA PHE A 110 16.44 -12.61 9.55
C PHE A 110 14.98 -12.24 9.69
N SER A 111 14.27 -12.91 10.58
CA SER A 111 12.86 -12.67 10.70
C SER A 111 12.63 -11.33 11.37
N GLN A 112 11.40 -10.84 11.22
CA GLN A 112 11.01 -9.63 11.92
C GLN A 112 11.29 -9.77 13.41
N GLN A 113 11.00 -10.94 13.98
CA GLN A 113 11.27 -11.15 15.40
C GLN A 113 12.78 -11.09 15.68
N ALA A 114 13.61 -11.56 14.75
CA ALA A 114 15.05 -11.47 14.95
C ALA A 114 15.52 -10.02 14.99
N MET A 115 14.82 -9.14 14.28
CA MET A 115 15.20 -7.73 14.30
C MET A 115 15.19 -7.18 15.71
N LYS A 116 14.32 -7.70 16.57
CA LYS A 116 14.33 -7.23 17.95
C LYS A 116 15.70 -7.41 18.58
N GLY A 117 16.39 -8.50 18.22
CA GLY A 117 17.70 -8.75 18.78
C GLY A 117 18.78 -7.91 18.16
N TYR A 118 18.64 -7.54 16.90
CA TYR A 118 19.65 -6.71 16.25
C TYR A 118 19.43 -5.24 16.53
N HIS A 119 18.27 -4.89 17.05
CA HIS A 119 17.88 -3.50 17.11
C HIS A 119 18.92 -2.67 17.86
N ALA A 120 19.38 -3.16 19.01
CA ALA A 120 20.31 -2.36 19.80
C ALA A 120 21.61 -2.11 19.03
N MET A 121 22.09 -3.11 18.29
CA MET A 121 23.27 -2.88 17.48
C MET A 121 22.98 -1.92 16.35
N MET A 122 21.79 -2.01 15.75
CA MET A 122 21.45 -1.06 14.72
C MET A 122 21.39 0.33 15.29
N VAL A 123 20.82 0.46 16.48
CA VAL A 123 20.76 1.77 17.11
C VAL A 123 22.15 2.31 17.34
N ASP A 124 23.07 1.43 17.77
CA ASP A 124 24.45 1.85 17.99
C ASP A 124 24.97 2.60 16.78
N ILE A 125 24.82 2.01 15.59
CA ILE A 125 25.35 2.64 14.40
C ILE A 125 24.50 3.83 14.01
N ALA A 126 23.17 3.69 14.09
CA ALA A 126 22.31 4.81 13.75
C ALA A 126 22.65 6.04 14.58
N VAL A 127 22.91 5.83 15.86
CA VAL A 127 23.28 6.95 16.71
C VAL A 127 24.60 7.55 16.24
N GLN A 128 25.55 6.71 15.83
CA GLN A 128 26.79 7.26 15.31
C GLN A 128 26.54 8.11 14.07
N LEU A 129 25.61 7.68 13.22
CA LEU A 129 25.26 8.50 12.07
C LEU A 129 24.70 9.83 12.53
N VAL A 130 23.71 9.78 13.43
CA VAL A 130 23.11 11.01 13.92
C VAL A 130 24.17 11.89 14.55
N GLN A 131 25.05 11.29 15.36
CA GLN A 131 26.08 12.08 16.02
C GLN A 131 27.01 12.71 15.01
N LYS A 132 27.37 11.98 13.94
CA LYS A 132 28.22 12.59 12.94
C LYS A 132 27.58 13.84 12.40
N TRP A 133 26.30 13.76 12.06
CA TRP A 133 25.64 14.90 11.46
C TRP A 133 25.38 15.98 12.48
N GLU A 134 25.11 15.60 13.74
CA GLU A 134 24.99 16.61 14.77
C GLU A 134 26.27 17.41 14.91
N ARG A 135 27.40 16.79 14.59
CA ARG A 135 28.70 17.37 14.81
C ARG A 135 29.24 18.11 13.60
N LEU A 136 28.52 18.07 12.49
CA LEU A 136 28.96 18.86 11.36
C LEU A 136 28.86 20.34 11.68
N ASN A 137 29.80 21.09 11.15
CA ASN A 137 29.76 22.54 11.24
C ASN A 137 28.73 23.09 10.28
N ALA A 138 28.30 24.32 10.55
CA ALA A 138 27.23 24.90 9.75
C ALA A 138 27.60 24.97 8.27
N ASP A 139 28.89 25.16 7.98
CA ASP A 139 29.30 25.31 6.59
C ASP A 139 29.30 23.99 5.82
N GLU A 140 29.03 22.88 6.49
CA GLU A 140 29.31 21.58 5.93
C GLU A 140 28.05 20.91 5.43
N HIS A 141 28.27 19.93 4.58
CA HIS A 141 27.18 19.15 4.05
C HIS A 141 27.50 17.69 4.25
N ILE A 142 26.51 16.89 3.92
CA ILE A 142 26.56 15.45 4.09
C ILE A 142 26.68 14.83 2.71
N GLU A 143 27.63 13.92 2.58
CA GLU A 143 27.72 13.09 1.38
C GLU A 143 26.83 11.89 1.69
N VAL A 144 25.62 11.94 1.16
CA VAL A 144 24.57 11.06 1.66
C VAL A 144 24.90 9.60 1.44
N PRO A 145 25.17 9.16 0.21
CA PRO A 145 25.43 7.73 0.02
C PRO A 145 26.61 7.25 0.82
N GLU A 146 27.65 8.07 0.89
CA GLU A 146 28.81 7.70 1.67
C GLU A 146 28.43 7.47 3.13
N ASP A 147 27.67 8.39 3.72
CA ASP A 147 27.29 8.21 5.10
C ASP A 147 26.28 7.11 5.27
N MET A 148 25.36 6.95 4.32
CA MET A 148 24.44 5.82 4.42
C MET A 148 25.19 4.52 4.37
N THR A 149 26.24 4.46 3.55
CA THR A 149 27.02 3.24 3.48
C THR A 149 27.79 3.01 4.76
N ARG A 150 28.29 4.08 5.37
CA ARG A 150 28.90 3.93 6.68
C ARG A 150 27.90 3.29 7.63
N LEU A 151 26.67 3.77 7.60
CA LEU A 151 25.62 3.23 8.46
C LEU A 151 25.37 1.78 8.13
N THR A 152 25.09 1.48 6.86
CA THR A 152 24.62 0.14 6.58
C THR A 152 25.75 -0.87 6.73
N LEU A 153 26.94 -0.53 6.25
CA LEU A 153 28.08 -1.42 6.40
C LEU A 153 28.32 -1.69 7.87
N ASP A 154 28.37 -0.64 8.68
CA ASP A 154 28.67 -0.88 10.09
C ASP A 154 27.56 -1.67 10.74
N THR A 155 26.33 -1.47 10.32
CA THR A 155 25.23 -2.22 10.91
C THR A 155 25.35 -3.69 10.59
N ILE A 156 25.62 -4.02 9.34
CA ILE A 156 25.74 -5.44 9.02
C ILE A 156 27.00 -6.01 9.63
N GLY A 157 28.06 -5.22 9.75
CA GLY A 157 29.24 -5.74 10.40
C GLY A 157 28.95 -6.11 11.83
N LEU A 158 28.25 -5.22 12.53
CA LEU A 158 27.96 -5.44 13.93
C LEU A 158 26.93 -6.55 14.09
N CYS A 159 25.83 -6.49 13.34
CA CYS A 159 24.82 -7.54 13.47
C CYS A 159 25.26 -8.83 12.80
N GLY A 160 26.11 -8.73 11.78
CA GLY A 160 26.55 -9.92 11.10
C GLY A 160 27.53 -10.72 11.93
N PHE A 161 28.49 -10.03 12.53
CA PHE A 161 29.52 -10.79 13.21
C PHE A 161 30.22 -9.98 14.29
N ASN A 162 29.49 -9.02 14.88
CA ASN A 162 30.00 -8.27 16.00
C ASN A 162 31.35 -7.64 15.67
N TYR A 163 31.47 -7.17 14.44
CA TYR A 163 32.68 -6.52 13.99
C TYR A 163 32.35 -5.07 13.75
N ARG A 164 33.20 -4.19 14.25
CA ARG A 164 33.01 -2.77 14.05
C ARG A 164 33.89 -2.33 12.90
N PHE A 165 33.26 -2.08 11.76
CA PHE A 165 34.00 -1.45 10.68
C PHE A 165 34.37 -0.03 11.03
N ASN A 166 33.67 0.57 11.99
CA ASN A 166 34.04 1.89 12.46
C ASN A 166 34.12 2.86 11.30
N SER A 167 33.13 2.77 10.43
CA SER A 167 33.15 3.58 9.22
C SER A 167 33.01 5.05 9.54
N PHE A 168 32.48 5.38 10.71
CA PHE A 168 32.40 6.78 11.07
C PHE A 168 33.71 7.29 11.62
N TYR A 169 34.72 6.45 11.68
CA TYR A 169 36.04 6.83 12.18
C TYR A 169 37.09 6.89 11.08
N ARG A 170 36.69 6.73 9.83
CA ARG A 170 37.67 6.75 8.75
C ARG A 170 37.00 7.28 7.50
N ASP A 171 37.81 7.87 6.63
CA ASP A 171 37.40 8.19 5.27
C ASP A 171 37.79 7.08 4.31
N GLN A 172 38.82 6.33 4.64
CA GLN A 172 39.32 5.28 3.78
C GLN A 172 38.57 3.99 4.08
N PRO A 173 38.19 3.23 3.07
CA PRO A 173 37.44 2.00 3.33
C PRO A 173 38.28 0.98 4.11
N HIS A 174 37.58 0.16 4.88
CA HIS A 174 38.18 -1.01 5.48
C HIS A 174 38.83 -1.87 4.41
N PRO A 175 39.94 -2.53 4.71
CA PRO A 175 40.59 -3.38 3.69
C PRO A 175 39.68 -4.43 3.08
N PHE A 176 38.82 -5.05 3.90
CA PHE A 176 37.87 -5.99 3.33
C PHE A 176 36.99 -5.30 2.30
N ILE A 177 36.55 -4.08 2.62
CA ILE A 177 35.62 -3.38 1.75
C ILE A 177 36.31 -2.92 0.48
N THR A 178 37.55 -2.43 0.60
CA THR A 178 38.34 -2.15 -0.60
C THR A 178 38.32 -3.35 -1.53
N SER A 179 38.60 -4.54 -0.99
CA SER A 179 38.65 -5.72 -1.81
C SER A 179 37.26 -6.11 -2.31
N MET A 180 36.27 -6.01 -1.43
CA MET A 180 34.91 -6.36 -1.84
C MET A 180 34.45 -5.45 -2.96
N VAL A 181 34.62 -4.14 -2.78
CA VAL A 181 34.19 -3.21 -3.82
C VAL A 181 34.94 -3.47 -5.10
N ARG A 182 36.25 -3.72 -5.00
CA ARG A 182 37.02 -3.96 -6.21
C ARG A 182 36.67 -5.30 -6.83
N ALA A 183 36.33 -6.28 -6.01
CA ALA A 183 35.89 -7.55 -6.57
C ALA A 183 34.54 -7.40 -7.23
N LEU A 184 33.62 -6.68 -6.59
CA LEU A 184 32.33 -6.42 -7.22
C LEU A 184 32.51 -5.64 -8.50
N ASP A 185 33.40 -4.65 -8.47
CA ASP A 185 33.66 -3.89 -9.68
C ASP A 185 34.24 -4.79 -10.76
N GLU A 186 35.14 -5.69 -10.40
CA GLU A 186 35.72 -6.60 -11.39
C GLU A 186 34.67 -7.59 -11.89
N ALA A 187 33.79 -8.04 -11.00
CA ALA A 187 32.71 -8.90 -11.45
C ALA A 187 31.83 -8.16 -12.44
N MET A 188 31.50 -6.90 -12.15
CA MET A 188 30.70 -6.11 -13.08
C MET A 188 31.46 -5.82 -14.36
N ASN A 189 32.77 -5.58 -14.26
CA ASN A 189 33.56 -5.31 -15.46
C ASN A 189 33.70 -6.54 -16.34
N LYS A 190 33.80 -7.71 -15.73
CA LYS A 190 33.94 -8.94 -16.51
C LYS A 190 32.73 -9.22 -17.38
N LEU A 191 31.60 -8.55 -17.10
CA LEU A 191 30.42 -8.70 -17.95
C LEU A 191 30.72 -8.26 -19.38
N GLN A 192 31.63 -7.30 -19.53
CA GLN A 192 31.93 -6.71 -20.83
C GLN A 192 33.28 -7.16 -21.39
N ARG A 193 33.77 -8.30 -20.95
CA ARG A 193 35.15 -8.72 -21.21
C ARG A 193 35.18 -9.77 -22.31
N ALA A 194 35.50 -9.35 -23.52
CA ALA A 194 35.88 -10.27 -24.58
C ALA A 194 37.30 -10.73 -24.32
N ASN A 195 37.54 -12.03 -24.52
CA ASN A 195 38.84 -12.67 -24.33
C ASN A 195 39.32 -12.47 -22.89
N PRO A 196 38.70 -13.16 -21.92
CA PRO A 196 39.03 -12.88 -20.51
C PRO A 196 40.47 -13.19 -20.14
N ASP A 197 41.08 -14.17 -20.80
CA ASP A 197 42.47 -14.54 -20.54
C ASP A 197 43.45 -13.71 -21.34
N ASP A 198 43.02 -12.59 -21.91
CA ASP A 198 43.94 -11.66 -22.53
C ASP A 198 44.81 -11.02 -21.45
N PRO A 199 46.07 -10.69 -21.79
CA PRO A 199 46.93 -9.98 -20.84
C PRO A 199 46.47 -8.57 -20.47
N ALA A 200 45.53 -7.97 -21.20
CA ALA A 200 45.07 -6.64 -20.81
C ALA A 200 44.23 -6.70 -19.54
N TYR A 201 43.40 -7.73 -19.43
CA TYR A 201 42.64 -8.01 -18.22
C TYR A 201 43.40 -8.93 -17.27
N ASP A 202 44.70 -9.15 -17.54
CA ASP A 202 45.53 -10.03 -16.72
C ASP A 202 45.62 -9.52 -15.28
N GLU A 203 46.07 -8.27 -15.10
CA GLU A 203 46.24 -7.75 -13.75
C GLU A 203 44.92 -7.62 -13.01
N ASN A 204 43.82 -7.36 -13.73
CA ASN A 204 42.50 -7.43 -13.12
C ASN A 204 42.30 -8.78 -12.45
N LYS A 205 42.74 -9.86 -13.11
CA LYS A 205 42.60 -11.19 -12.55
C LYS A 205 43.46 -11.36 -11.30
N ARG A 206 44.72 -10.94 -11.38
CA ARG A 206 45.58 -10.99 -10.20
C ARG A 206 44.98 -10.18 -9.06
N GLN A 207 44.46 -8.99 -9.36
CA GLN A 207 43.82 -8.18 -8.34
C GLN A 207 42.55 -8.84 -7.83
N PHE A 208 41.77 -9.43 -8.75
CA PHE A 208 40.56 -10.13 -8.35
C PHE A 208 40.87 -11.27 -7.40
N GLN A 209 41.83 -12.11 -7.77
CA GLN A 209 42.22 -13.20 -6.89
C GLN A 209 42.73 -12.67 -5.56
N GLU A 210 43.51 -11.58 -5.59
CA GLU A 210 43.99 -10.98 -4.36
C GLU A 210 42.83 -10.47 -3.52
N ASP A 211 41.82 -9.89 -4.16
CA ASP A 211 40.66 -9.42 -3.41
C ASP A 211 39.85 -10.58 -2.85
N ILE A 212 39.67 -11.64 -3.63
CA ILE A 212 39.02 -12.83 -3.11
C ILE A 212 39.75 -13.34 -1.89
N LYS A 213 41.09 -13.45 -2.01
CA LYS A 213 41.88 -13.93 -0.88
C LYS A 213 41.75 -13.01 0.32
N VAL A 214 41.80 -11.69 0.10
CA VAL A 214 41.62 -10.76 1.21
C VAL A 214 40.29 -11.02 1.90
N MET A 215 39.23 -11.12 1.12
CA MET A 215 37.91 -11.31 1.70
C MET A 215 37.85 -12.63 2.45
N ASN A 216 38.35 -13.69 1.83
CA ASN A 216 38.33 -15.01 2.46
C ASN A 216 39.16 -15.01 3.73
N ASP A 217 40.41 -14.57 3.64
CA ASP A 217 41.27 -14.55 4.82
C ASP A 217 40.64 -13.74 5.94
N LEU A 218 40.15 -12.54 5.63
CA LEU A 218 39.59 -11.69 6.67
C LEU A 218 38.33 -12.32 7.27
N VAL A 219 37.46 -12.85 6.42
CA VAL A 219 36.23 -13.44 6.94
C VAL A 219 36.52 -14.76 7.62
N ASP A 220 37.37 -15.58 7.01
CA ASP A 220 37.75 -16.84 7.66
C ASP A 220 38.35 -16.57 9.03
N LYS A 221 39.13 -15.50 9.15
CA LYS A 221 39.71 -15.18 10.45
C LYS A 221 38.64 -14.77 11.43
N ILE A 222 37.64 -14.02 10.95
CA ILE A 222 36.51 -13.65 11.80
C ILE A 222 35.86 -14.91 12.37
N ILE A 223 35.57 -15.87 11.47
CA ILE A 223 34.91 -17.10 11.87
C ILE A 223 35.79 -17.88 12.84
N ALA A 224 37.06 -18.04 12.48
CA ALA A 224 37.97 -18.79 13.33
C ALA A 224 38.14 -18.12 14.68
N ASP A 225 38.22 -16.78 14.69
CA ASP A 225 38.33 -16.07 15.96
C ASP A 225 37.11 -16.32 16.83
N ARG A 226 35.92 -16.33 16.22
CA ARG A 226 34.72 -16.55 17.01
C ARG A 226 34.65 -17.99 17.51
N LYS A 227 35.00 -18.94 16.66
CA LYS A 227 34.99 -20.33 17.09
C LYS A 227 35.98 -20.54 18.22
N ALA A 228 37.14 -19.91 18.13
CA ALA A 228 38.17 -20.09 19.13
C ALA A 228 37.79 -19.43 20.45
N SER A 229 37.22 -18.22 20.38
CA SER A 229 36.85 -17.50 21.59
C SER A 229 35.65 -18.13 22.29
N GLY A 230 34.82 -18.84 21.56
CA GLY A 230 33.61 -19.42 22.11
C GLY A 230 32.52 -18.43 22.43
N GLU A 231 32.71 -17.13 22.16
CA GLU A 231 31.70 -16.16 22.54
C GLU A 231 30.41 -16.40 21.79
N GLN A 232 29.29 -16.17 22.46
CA GLN A 232 27.97 -16.37 21.92
C GLN A 232 27.32 -14.99 21.81
N SER A 233 27.69 -14.27 20.76
CA SER A 233 27.06 -13.00 20.46
C SER A 233 25.67 -13.26 19.86
N ASP A 234 24.84 -12.23 19.86
CA ASP A 234 23.53 -12.36 19.21
C ASP A 234 23.61 -11.86 17.77
N ASP A 235 24.55 -12.43 17.03
CA ASP A 235 24.78 -12.03 15.66
C ASP A 235 24.61 -13.20 14.70
N LEU A 236 24.63 -12.87 13.42
CA LEU A 236 24.42 -13.88 12.39
C LEU A 236 25.48 -14.94 12.46
N LEU A 237 26.70 -14.54 12.78
CA LEU A 237 27.78 -15.52 12.82
C LEU A 237 27.52 -16.56 13.89
N THR A 238 27.11 -16.12 15.09
CA THR A 238 26.74 -17.08 16.13
C THR A 238 25.65 -18.00 15.63
N HIS A 239 24.62 -17.43 14.99
CA HIS A 239 23.53 -18.27 14.52
C HIS A 239 24.03 -19.29 13.50
N MET A 240 24.96 -18.88 12.64
CA MET A 240 25.48 -19.81 11.65
C MET A 240 26.40 -20.85 12.28
N LEU A 241 27.18 -20.44 13.28
CA LEU A 241 28.04 -21.40 13.94
C LEU A 241 27.22 -22.41 14.73
N ASN A 242 26.06 -22.00 15.22
CA ASN A 242 25.25 -22.86 16.07
C ASN A 242 24.06 -23.44 15.35
N GLY A 243 23.74 -22.94 14.16
CA GLY A 243 22.54 -23.35 13.49
C GLY A 243 22.64 -24.74 12.94
N LYS A 244 21.49 -25.39 12.84
CA LYS A 244 21.38 -26.71 12.25
C LYS A 244 20.22 -26.64 11.30
N ASP A 245 20.44 -27.04 10.06
CA ASP A 245 19.34 -27.09 9.12
C ASP A 245 18.44 -28.25 9.51
N PRO A 246 17.17 -28.01 9.82
CA PRO A 246 16.30 -29.12 10.21
C PRO A 246 16.20 -30.21 9.16
N GLU A 247 16.38 -29.86 7.89
CA GLU A 247 16.19 -30.83 6.82
C GLU A 247 17.37 -31.77 6.75
N THR A 248 18.55 -31.23 6.43
CA THR A 248 19.72 -32.09 6.38
C THR A 248 20.18 -32.49 7.77
N GLY A 249 19.80 -31.72 8.78
CA GLY A 249 20.38 -31.87 10.11
C GLY A 249 21.77 -31.30 10.24
N GLU A 250 22.28 -30.68 9.22
CA GLU A 250 23.65 -30.21 9.18
C GLU A 250 23.73 -28.73 9.50
N PRO A 251 24.82 -28.34 10.14
CA PRO A 251 25.17 -26.93 10.23
C PRO A 251 25.87 -26.50 8.96
N LEU A 252 25.99 -25.18 8.80
CA LEU A 252 26.81 -24.67 7.71
C LEU A 252 28.26 -24.96 8.05
N ASP A 253 29.05 -25.27 7.03
CA ASP A 253 30.46 -25.36 7.35
C ASP A 253 31.08 -23.96 7.30
N ASP A 254 32.32 -23.87 7.78
CA ASP A 254 32.95 -22.57 7.91
C ASP A 254 33.09 -21.88 6.56
N GLU A 255 33.33 -22.64 5.50
CA GLU A 255 33.46 -22.04 4.19
C GLU A 255 32.16 -21.40 3.78
N ASN A 256 31.05 -22.10 3.97
CA ASN A 256 29.79 -21.51 3.59
C ASN A 256 29.44 -20.34 4.48
N ILE A 257 29.77 -20.43 5.77
CA ILE A 257 29.55 -19.29 6.65
C ILE A 257 30.31 -18.08 6.12
N ARG A 258 31.55 -18.30 5.68
CA ARG A 258 32.31 -17.21 5.10
C ARG A 258 31.60 -16.63 3.89
N TYR A 259 31.09 -17.50 3.02
CA TYR A 259 30.35 -17.00 1.88
C TYR A 259 29.12 -16.25 2.32
N GLN A 260 28.44 -16.73 3.36
CA GLN A 260 27.27 -16.00 3.82
C GLN A 260 27.66 -14.64 4.33
N ILE A 261 28.77 -14.59 5.08
CA ILE A 261 29.19 -13.31 5.62
C ILE A 261 29.56 -12.36 4.50
N ILE A 262 30.31 -12.85 3.52
CA ILE A 262 30.64 -12.03 2.36
C ILE A 262 29.37 -11.54 1.70
N THR A 263 28.40 -12.45 1.55
CA THR A 263 27.15 -12.11 0.92
C THR A 263 26.43 -11.02 1.70
N PHE A 264 26.39 -11.16 3.03
CA PHE A 264 25.71 -10.15 3.83
C PHE A 264 26.42 -8.82 3.76
N LEU A 265 27.74 -8.85 3.71
CA LEU A 265 28.48 -7.60 3.64
C LEU A 265 28.25 -6.92 2.31
N ILE A 266 28.20 -7.69 1.22
CA ILE A 266 27.84 -7.09 -0.06
C ILE A 266 26.45 -6.51 0.02
N ALA A 267 25.51 -7.30 0.51
CA ALA A 267 24.13 -6.88 0.52
C ALA A 267 23.94 -5.68 1.42
N GLY A 268 24.64 -5.68 2.55
CA GLY A 268 24.40 -4.64 3.52
C GLY A 268 25.20 -3.41 3.26
N HIS A 269 25.97 -3.40 2.19
CA HIS A 269 26.82 -2.27 1.86
C HIS A 269 25.99 -1.32 1.02
N GLU A 270 26.43 -1.02 -0.20
CA GLU A 270 25.72 -0.02 -0.99
C GLU A 270 24.35 -0.48 -1.45
N ILE A 271 24.10 -1.78 -1.55
CA ILE A 271 22.75 -2.21 -1.89
C ILE A 271 21.76 -1.67 -0.88
N THR A 272 22.08 -1.78 0.39
CA THR A 272 21.17 -1.31 1.41
C THR A 272 21.28 0.19 1.59
N SER A 273 22.49 0.72 1.54
CA SER A 273 22.62 2.15 1.75
C SER A 273 21.96 2.92 0.63
N GLY A 274 21.90 2.33 -0.57
CA GLY A 274 21.24 2.99 -1.68
C GLY A 274 19.80 3.29 -1.35
N LEU A 275 19.13 2.37 -0.67
CA LEU A 275 17.75 2.61 -0.29
C LEU A 275 17.67 3.87 0.54
N LEU A 276 18.54 3.97 1.54
CA LEU A 276 18.53 5.15 2.38
C LEU A 276 18.88 6.38 1.56
N SER A 277 19.83 6.24 0.65
CA SER A 277 20.25 7.41 -0.11
C SER A 277 19.14 7.87 -1.01
N PHE A 278 18.50 6.93 -1.70
CA PHE A 278 17.39 7.32 -2.53
C PHE A 278 16.24 7.83 -1.70
N ALA A 279 15.98 7.21 -0.56
CA ALA A 279 14.89 7.69 0.28
C ALA A 279 15.14 9.14 0.68
N LEU A 280 16.36 9.45 1.12
CA LEU A 280 16.64 10.82 1.50
C LEU A 280 16.59 11.73 0.29
N TYR A 281 17.06 11.25 -0.84
CA TYR A 281 16.93 12.02 -2.06
C TYR A 281 15.49 12.39 -2.31
N PHE A 282 14.62 11.39 -2.28
CA PHE A 282 13.24 11.68 -2.58
C PHE A 282 12.63 12.52 -1.49
N LEU A 283 13.04 12.34 -0.24
CA LEU A 283 12.51 13.17 0.82
C LEU A 283 12.85 14.62 0.58
N VAL A 284 14.11 14.92 0.25
CA VAL A 284 14.45 16.32 0.07
C VAL A 284 13.85 16.89 -1.19
N LYS A 285 13.53 16.05 -2.17
CA LYS A 285 12.89 16.54 -3.38
C LYS A 285 11.39 16.66 -3.22
N ASN A 286 10.84 16.16 -2.13
CA ASN A 286 9.41 16.12 -1.92
C ASN A 286 9.14 16.58 -0.50
N PRO A 287 9.27 17.88 -0.25
CA PRO A 287 9.17 18.38 1.13
C PRO A 287 7.88 18.03 1.82
N HIS A 288 6.78 17.91 1.09
CA HIS A 288 5.55 17.47 1.74
C HIS A 288 5.72 16.09 2.31
N VAL A 289 6.35 15.20 1.55
CA VAL A 289 6.62 13.87 2.06
C VAL A 289 7.55 13.94 3.25
N LEU A 290 8.62 14.73 3.12
CA LEU A 290 9.55 14.87 4.22
C LEU A 290 8.84 15.37 5.47
N GLN A 291 7.96 16.36 5.30
CA GLN A 291 7.25 16.86 6.47
C GLN A 291 6.43 15.76 7.11
N LYS A 292 5.73 14.98 6.28
CA LYS A 292 4.90 13.90 6.81
C LYS A 292 5.76 12.87 7.49
N ALA A 293 6.88 12.52 6.87
CA ALA A 293 7.76 11.54 7.48
C ALA A 293 8.39 12.10 8.75
N ALA A 294 8.79 13.37 8.72
CA ALA A 294 9.37 13.97 9.90
C ALA A 294 8.36 14.03 11.03
N GLU A 295 7.10 14.34 10.71
CA GLU A 295 6.10 14.42 11.76
C GLU A 295 5.91 13.06 12.41
N GLU A 296 5.94 12.01 11.60
CA GLU A 296 5.82 10.68 12.16
C GLU A 296 7.03 10.35 13.01
N ALA A 297 8.22 10.65 12.49
CA ALA A 297 9.43 10.39 13.26
C ALA A 297 9.36 11.11 14.60
N ALA A 298 8.94 12.36 14.59
CA ALA A 298 8.86 13.14 15.81
C ALA A 298 7.81 12.58 16.76
N ARG A 299 6.68 12.14 16.22
CA ARG A 299 5.61 11.66 17.09
C ARG A 299 5.96 10.31 17.68
N VAL A 300 6.61 9.47 16.89
CA VAL A 300 6.82 8.08 17.28
C VAL A 300 8.08 7.93 18.12
N LEU A 301 9.17 8.56 17.68
CA LEU A 301 10.47 8.38 18.31
C LEU A 301 10.60 9.35 19.48
N VAL A 302 9.82 9.07 20.51
CA VAL A 302 9.71 9.97 21.66
C VAL A 302 10.84 9.78 22.64
N ASP A 303 11.68 8.77 22.45
CA ASP A 303 12.76 8.50 23.37
C ASP A 303 14.09 8.83 22.73
N PRO A 304 15.12 9.09 23.54
CA PRO A 304 16.43 9.45 22.97
C PRO A 304 16.96 8.42 21.99
N VAL A 305 16.73 7.14 22.25
CA VAL A 305 17.05 6.14 21.24
C VAL A 305 15.76 5.42 20.87
N PRO A 306 15.57 5.10 19.61
CA PRO A 306 14.33 4.43 19.23
C PRO A 306 14.33 3.00 19.73
N SER A 307 13.15 2.57 20.16
CA SER A 307 12.96 1.18 20.47
C SER A 307 12.53 0.45 19.21
N TYR A 308 12.68 -0.86 19.24
CA TYR A 308 12.19 -1.67 18.14
C TYR A 308 10.73 -1.38 17.89
N LYS A 309 9.93 -1.36 18.95
CA LYS A 309 8.49 -1.14 18.82
C LYS A 309 8.20 0.19 18.17
N GLN A 310 8.98 1.22 18.50
CA GLN A 310 8.79 2.51 17.86
C GLN A 310 9.13 2.46 16.38
N VAL A 311 10.21 1.77 16.03
CA VAL A 311 10.57 1.70 14.62
C VAL A 311 9.45 1.05 13.83
N LYS A 312 8.79 0.07 14.44
CA LYS A 312 7.69 -0.60 13.77
C LYS A 312 6.52 0.35 13.53
N GLN A 313 6.38 1.36 14.37
CA GLN A 313 5.31 2.33 14.20
C GLN A 313 5.63 3.39 13.15
N LEU A 314 6.82 3.37 12.57
CA LEU A 314 7.20 4.36 11.57
C LEU A 314 6.63 3.95 10.22
N LYS A 315 5.29 3.96 10.18
CA LYS A 315 4.60 3.44 9.02
C LYS A 315 4.93 4.28 7.79
N TYR A 316 4.83 5.60 7.93
CA TYR A 316 5.06 6.44 6.78
C TYR A 316 6.52 6.43 6.38
N VAL A 317 7.44 6.34 7.34
CA VAL A 317 8.83 6.15 6.98
C VAL A 317 8.97 4.89 6.16
N GLY A 318 8.28 3.83 6.57
CA GLY A 318 8.27 2.61 5.78
C GLY A 318 7.71 2.83 4.39
N MET A 319 6.67 3.65 4.29
CA MET A 319 6.11 3.94 2.97
C MET A 319 7.09 4.72 2.13
N VAL A 320 7.80 5.66 2.76
CA VAL A 320 8.84 6.38 2.05
C VAL A 320 9.88 5.40 1.51
N LEU A 321 10.30 4.47 2.36
CA LEU A 321 11.30 3.51 1.93
C LEU A 321 10.77 2.65 0.81
N ASN A 322 9.52 2.20 0.94
CA ASN A 322 8.96 1.38 -0.12
C ASN A 322 8.83 2.18 -1.41
N GLU A 323 8.49 3.46 -1.29
CA GLU A 323 8.38 4.24 -2.50
C GLU A 323 9.74 4.51 -3.12
N ALA A 324 10.78 4.64 -2.28
CA ALA A 324 12.14 4.73 -2.79
C ALA A 324 12.55 3.43 -3.45
N LEU A 325 12.18 2.32 -2.82
CA LEU A 325 12.42 1.01 -3.43
C LEU A 325 11.62 0.86 -4.70
N ARG A 326 10.45 1.46 -4.76
CA ARG A 326 9.70 1.35 -5.99
C ARG A 326 10.47 2.01 -7.12
N LEU A 327 10.88 3.25 -6.92
CA LEU A 327 11.49 3.99 -8.02
C LEU A 327 12.89 3.50 -8.32
N TRP A 328 13.71 3.28 -7.30
CA TRP A 328 15.09 2.91 -7.52
C TRP A 328 15.46 1.73 -6.64
N PRO A 329 14.87 0.58 -6.93
CA PRO A 329 15.26 -0.62 -6.20
C PRO A 329 16.74 -0.86 -6.40
N THR A 330 17.44 -1.02 -5.29
CA THR A 330 18.89 -1.04 -5.35
C THR A 330 19.45 -2.39 -5.67
N ALA A 331 18.60 -3.41 -5.77
CA ALA A 331 19.00 -4.68 -6.35
C ALA A 331 18.11 -4.79 -7.57
N PRO A 332 18.44 -4.10 -8.66
CA PRO A 332 17.40 -3.73 -9.62
C PRO A 332 16.97 -4.85 -10.53
N ALA A 333 17.64 -6.00 -10.51
CA ALA A 333 17.22 -7.04 -11.41
C ALA A 333 17.42 -8.36 -10.72
N PHE A 334 16.62 -9.33 -11.10
CA PHE A 334 16.95 -10.68 -10.75
C PHE A 334 16.59 -11.55 -11.93
N SER A 335 17.22 -12.70 -11.96
CA SER A 335 17.17 -13.57 -13.09
C SER A 335 16.43 -14.82 -12.70
N LEU A 336 15.71 -15.37 -13.68
CA LEU A 336 14.96 -16.58 -13.51
C LEU A 336 15.23 -17.44 -14.72
N TYR A 337 14.95 -18.71 -14.59
CA TYR A 337 15.00 -19.56 -15.75
C TYR A 337 13.77 -20.42 -15.73
N ALA A 338 13.33 -20.80 -16.91
CA ALA A 338 12.17 -21.65 -17.03
C ALA A 338 12.56 -23.06 -16.61
N LYS A 339 11.86 -23.57 -15.60
CA LYS A 339 12.14 -24.92 -15.14
C LYS A 339 11.81 -25.95 -16.21
N GLU A 340 10.81 -25.66 -17.03
CA GLU A 340 10.43 -26.51 -18.14
C GLU A 340 9.98 -25.60 -19.25
N ASP A 341 9.82 -26.17 -20.43
CA ASP A 341 9.15 -25.46 -21.51
C ASP A 341 7.86 -24.88 -20.99
N THR A 342 7.61 -23.62 -21.33
CA THR A 342 6.42 -22.96 -20.84
C THR A 342 6.20 -21.74 -21.72
N VAL A 343 4.96 -21.28 -21.75
CA VAL A 343 4.62 -20.09 -22.50
C VAL A 343 4.39 -18.97 -21.50
N LEU A 344 5.15 -17.90 -21.66
CA LEU A 344 5.02 -16.74 -20.79
C LEU A 344 3.94 -15.82 -21.34
N GLY A 345 2.98 -15.47 -20.49
CA GLY A 345 1.98 -14.49 -20.86
C GLY A 345 1.13 -14.87 -22.03
N GLY A 346 1.03 -16.17 -22.32
CA GLY A 346 0.26 -16.65 -23.45
C GLY A 346 0.84 -16.33 -24.81
N GLU A 347 1.98 -15.63 -24.88
CA GLU A 347 2.53 -15.22 -26.17
C GLU A 347 3.98 -15.60 -26.38
N TYR A 348 4.74 -15.87 -25.33
CA TYR A 348 6.19 -16.02 -25.44
C TYR A 348 6.58 -17.43 -25.03
N PRO A 349 6.69 -18.35 -25.98
CA PRO A 349 7.11 -19.70 -25.64
C PRO A 349 8.54 -19.67 -25.13
N LEU A 350 8.74 -20.28 -23.97
CA LEU A 350 10.07 -20.41 -23.41
C LEU A 350 10.44 -21.88 -23.39
N GLU A 351 11.70 -22.14 -23.68
CA GLU A 351 12.23 -23.48 -23.54
C GLU A 351 12.80 -23.62 -22.14
N LYS A 352 12.77 -24.85 -21.64
CA LYS A 352 13.43 -25.16 -20.39
C LYS A 352 14.81 -24.53 -20.40
N GLY A 353 15.13 -23.84 -19.34
CA GLY A 353 16.42 -23.21 -19.24
C GLY A 353 16.48 -21.79 -19.79
N GLU A 355 16.19 -18.09 -19.97
CA GLU A 355 16.41 -17.15 -18.89
C GLU A 355 15.56 -15.89 -19.03
N LEU A 356 15.15 -15.37 -17.90
CA LEU A 356 14.40 -14.13 -17.81
C LEU A 356 15.12 -13.23 -16.84
N MET A 357 15.11 -11.95 -17.13
CA MET A 357 15.57 -10.96 -16.19
C MET A 357 14.36 -10.14 -15.79
N VAL A 358 14.13 -10.00 -14.51
CA VAL A 358 13.07 -9.13 -14.01
C VAL A 358 13.72 -7.78 -13.80
N LEU A 359 13.29 -6.80 -14.58
CA LEU A 359 13.84 -5.47 -14.50
C LEU A 359 12.98 -4.73 -13.49
N ILE A 360 13.38 -4.80 -12.22
CA ILE A 360 12.53 -4.30 -11.14
C ILE A 360 12.15 -2.84 -11.32
N PRO A 361 13.05 -1.93 -11.67
CA PRO A 361 12.62 -0.53 -11.80
C PRO A 361 11.53 -0.38 -12.81
N GLN A 362 11.50 -1.23 -13.83
CA GLN A 362 10.46 -1.12 -14.84
C GLN A 362 9.15 -1.73 -14.34
N LEU A 363 9.25 -2.88 -13.67
CA LEU A 363 8.08 -3.45 -13.03
C LEU A 363 7.40 -2.40 -12.17
N HIS A 364 8.20 -1.67 -11.43
CA HIS A 364 7.70 -0.68 -10.50
C HIS A 364 7.23 0.57 -11.19
N ARG A 365 7.39 0.65 -12.51
CA ARG A 365 6.86 1.74 -13.30
C ARG A 365 5.77 1.26 -14.22
N ASP A 366 5.27 0.05 -13.99
CA ASP A 366 4.22 -0.50 -14.82
C ASP A 366 2.96 0.31 -14.57
N LYS A 367 2.62 1.17 -15.54
CA LYS A 367 1.48 2.06 -15.37
C LYS A 367 0.19 1.29 -15.23
N THR A 368 0.13 0.07 -15.76
CA THR A 368 -1.10 -0.70 -15.63
C THR A 368 -1.33 -1.12 -14.19
N ILE A 369 -0.29 -1.09 -13.36
CA ILE A 369 -0.41 -1.36 -11.94
C ILE A 369 -0.50 -0.07 -11.13
N TRP A 370 0.43 0.85 -11.37
CA TRP A 370 0.62 2.00 -10.49
C TRP A 370 -0.09 3.25 -10.95
N GLY A 371 -0.71 3.24 -12.13
CA GLY A 371 -1.26 4.46 -12.68
C GLY A 371 -0.21 5.20 -13.47
N ASP A 372 -0.64 6.28 -14.11
CA ASP A 372 0.27 6.95 -15.04
C ASP A 372 1.37 7.73 -14.34
N ASP A 373 1.18 8.07 -13.07
CA ASP A 373 2.12 8.92 -12.34
C ASP A 373 3.30 8.13 -11.78
N VAL A 374 3.73 7.07 -12.46
CA VAL A 374 4.72 6.15 -11.89
C VAL A 374 6.01 6.84 -11.52
N GLU A 375 6.35 7.96 -12.15
CA GLU A 375 7.61 8.61 -11.86
C GLU A 375 7.53 9.50 -10.63
N GLU A 376 6.33 9.76 -10.13
CA GLU A 376 6.19 10.62 -8.98
C GLU A 376 6.47 9.84 -7.72
N PHE A 377 7.18 10.47 -6.81
CA PHE A 377 7.47 9.88 -5.52
C PHE A 377 6.29 10.16 -4.61
N ARG A 378 5.51 9.12 -4.33
CA ARG A 378 4.27 9.27 -3.59
C ARG A 378 4.21 8.09 -2.64
N PRO A 379 4.77 8.23 -1.44
CA PRO A 379 4.72 7.11 -0.50
C PRO A 379 3.31 6.68 -0.19
N GLU A 380 2.35 7.58 -0.36
CA GLU A 380 0.96 7.25 -0.11
C GLU A 380 0.49 6.10 -0.97
N ARG A 381 1.19 5.79 -2.07
CA ARG A 381 0.88 4.59 -2.82
C ARG A 381 0.91 3.37 -1.93
N PHE A 382 1.72 3.42 -0.87
CA PHE A 382 1.93 2.31 0.03
C PHE A 382 1.17 2.48 1.33
N GLU A 383 0.23 3.42 1.38
CA GLU A 383 -0.49 3.67 2.62
C GLU A 383 -1.22 2.43 3.08
N ASN A 384 -1.78 1.68 2.14
CA ASN A 384 -2.45 0.44 2.47
C ASN A 384 -1.76 -0.66 1.70
N PRO A 385 -0.98 -1.52 2.36
CA PRO A 385 -0.32 -2.60 1.63
C PRO A 385 -1.28 -3.49 0.88
N SER A 386 -2.57 -3.48 1.25
CA SER A 386 -3.56 -4.24 0.50
C SER A 386 -3.70 -3.73 -0.92
N ALA A 387 -3.45 -2.44 -1.13
CA ALA A 387 -3.60 -1.85 -2.46
C ALA A 387 -2.50 -2.28 -3.43
N ILE A 388 -1.48 -2.97 -2.95
CA ILE A 388 -0.36 -3.40 -3.80
C ILE A 388 -0.67 -4.82 -4.29
N PRO A 389 -0.95 -5.01 -5.58
CA PRO A 389 -1.19 -6.36 -6.08
C PRO A 389 0.04 -7.22 -5.94
N GLN A 390 -0.18 -8.53 -5.88
CA GLN A 390 0.94 -9.45 -5.80
C GLN A 390 1.83 -9.28 -7.02
N HIS A 391 3.13 -9.29 -6.78
CA HIS A 391 4.18 -9.24 -7.79
C HIS A 391 4.30 -7.89 -8.49
N ALA A 392 3.56 -6.89 -8.03
CA ALA A 392 3.72 -5.56 -8.60
C ALA A 392 4.93 -4.86 -8.02
N PHE A 393 5.32 -5.25 -6.83
CA PHE A 393 6.34 -4.54 -6.08
C PHE A 393 7.29 -5.62 -5.59
N LYS A 394 8.47 -5.66 -6.17
CA LYS A 394 9.35 -6.77 -5.84
C LYS A 394 10.78 -6.29 -5.64
N PRO A 395 11.01 -5.25 -4.84
CA PRO A 395 12.39 -4.80 -4.64
C PRO A 395 13.25 -5.83 -3.94
N PHE A 396 12.63 -6.81 -3.28
CA PHE A 396 13.36 -7.84 -2.58
C PHE A 396 13.26 -9.17 -3.28
N GLY A 397 12.92 -9.15 -4.56
CA GLY A 397 12.95 -10.38 -5.30
C GLY A 397 11.72 -11.19 -5.02
N ASN A 398 11.85 -12.50 -5.25
CA ASN A 398 10.66 -13.29 -5.36
C ASN A 398 10.77 -14.60 -4.61
N GLY A 399 9.69 -14.94 -3.92
CA GLY A 399 9.48 -16.29 -3.47
C GLY A 399 10.54 -16.72 -2.48
N GLN A 400 10.88 -17.99 -2.56
CA GLN A 400 11.84 -18.51 -1.59
C GLN A 400 13.23 -17.96 -1.85
N ARG A 401 13.45 -17.37 -3.02
CA ARG A 401 14.72 -16.73 -3.33
C ARG A 401 14.65 -15.24 -3.10
N ALA A 402 13.64 -14.79 -2.39
CA ALA A 402 13.54 -13.39 -2.07
C ALA A 402 14.62 -13.02 -1.08
N CYS A 403 14.81 -11.72 -0.92
CA CYS A 403 15.86 -11.24 -0.07
C CYS A 403 15.66 -11.71 1.34
N ILE A 404 16.62 -12.48 1.85
CA ILE A 404 16.45 -12.90 3.22
C ILE A 404 16.64 -11.72 4.15
N GLY A 405 17.33 -10.70 3.68
CA GLY A 405 17.66 -9.53 4.48
C GLY A 405 16.61 -8.46 4.45
N GLN A 406 15.44 -8.75 3.89
CA GLN A 406 14.46 -7.70 3.70
C GLN A 406 14.09 -7.04 5.02
N GLN A 407 13.79 -7.82 6.05
CA GLN A 407 13.39 -7.23 7.32
C GLN A 407 14.57 -6.49 7.94
N PHE A 408 15.76 -7.04 7.78
CA PHE A 408 16.95 -6.39 8.30
C PHE A 408 17.16 -5.06 7.62
N ALA A 409 17.17 -5.07 6.29
CA ALA A 409 17.40 -3.84 5.55
C ALA A 409 16.35 -2.82 5.90
N LEU A 410 15.09 -3.23 5.95
CA LEU A 410 14.03 -2.27 6.21
C LEU A 410 14.05 -1.80 7.63
N HIS A 411 14.44 -2.66 8.56
CA HIS A 411 14.48 -2.21 9.94
C HIS A 411 15.58 -1.19 10.12
N GLU A 412 16.79 -1.50 9.65
CA GLU A 412 17.86 -0.55 9.78
C GLU A 412 17.55 0.73 9.01
N ALA A 413 16.95 0.61 7.83
CA ALA A 413 16.65 1.80 7.06
C ALA A 413 15.58 2.63 7.74
N THR A 414 14.57 1.98 8.29
CA THR A 414 13.49 2.71 8.93
C THR A 414 14.00 3.35 10.20
N LEU A 415 14.78 2.61 10.96
CA LEU A 415 15.34 3.17 12.18
C LEU A 415 16.15 4.42 11.88
N VAL A 416 17.12 4.32 10.97
CA VAL A 416 18.01 5.47 10.82
C VAL A 416 17.30 6.59 10.11
N LEU A 417 16.47 6.26 9.12
CA LEU A 417 15.71 7.32 8.48
C LEU A 417 14.79 7.99 9.48
N GLY A 418 14.14 7.20 10.35
CA GLY A 418 13.34 7.80 11.40
C GLY A 418 14.16 8.73 12.27
N MET A 419 15.34 8.26 12.67
CA MET A 419 16.18 9.10 13.50
C MET A 419 16.65 10.32 12.75
N MET A 420 17.01 10.15 11.48
CA MET A 420 17.43 11.29 10.68
C MET A 420 16.31 12.31 10.61
N LEU A 421 15.09 11.84 10.39
CA LEU A 421 13.98 12.75 10.25
C LEU A 421 13.60 13.38 11.57
N LYS A 422 13.85 12.66 12.68
CA LYS A 422 13.60 13.22 13.98
C LYS A 422 14.62 14.30 14.31
N HIS A 423 15.87 14.08 13.91
CA HIS A 423 16.94 14.90 14.46
C HIS A 423 17.36 16.06 13.60
N PHE A 424 17.02 16.05 12.32
CA PHE A 424 17.51 17.07 11.41
C PHE A 424 16.41 17.53 10.49
N ASP A 425 16.48 18.79 10.13
CA ASP A 425 15.86 19.26 8.92
C ASP A 425 16.90 19.18 7.82
N PHE A 426 16.42 18.89 6.62
CA PHE A 426 17.31 18.63 5.52
C PHE A 426 17.12 19.67 4.47
N GLU A 427 18.22 20.09 3.89
CA GLU A 427 18.19 21.03 2.80
C GLU A 427 18.88 20.39 1.61
N ASP A 428 18.20 20.37 0.49
CA ASP A 428 18.80 20.03 -0.79
C ASP A 428 19.52 21.28 -1.28
N HIS A 429 20.63 21.58 -0.61
CA HIS A 429 21.25 22.88 -0.76
C HIS A 429 21.89 23.08 -2.13
N THR A 430 22.15 22.02 -2.87
CA THR A 430 22.67 22.16 -4.22
C THR A 430 21.62 21.97 -5.29
N ASN A 431 20.36 21.80 -4.91
CA ASN A 431 19.32 21.36 -5.83
C ASN A 431 19.84 20.19 -6.65
N TYR A 432 20.18 19.15 -5.92
CA TYR A 432 20.96 18.06 -6.48
C TYR A 432 20.23 17.45 -7.67
N GLU A 433 20.96 17.27 -8.76
CA GLU A 433 20.39 16.63 -9.95
C GLU A 433 20.68 15.15 -9.83
N LEU A 434 19.62 14.36 -9.70
CA LEU A 434 19.75 12.92 -9.60
C LEU A 434 20.65 12.39 -10.70
N ASP A 435 21.72 11.72 -10.28
CA ASP A 435 22.66 11.10 -11.20
C ASP A 435 22.90 9.75 -10.58
N ILE A 436 22.37 8.71 -11.18
CA ILE A 436 22.39 7.40 -10.54
C ILE A 436 23.61 6.66 -11.03
N LYS A 437 24.58 6.51 -10.14
CA LYS A 437 25.77 5.74 -10.44
C LYS A 437 25.42 4.28 -10.29
N GLU A 438 25.85 3.48 -11.24
CA GLU A 438 25.57 2.06 -11.24
C GLU A 438 26.84 1.30 -10.99
N THR A 439 26.76 0.40 -10.04
CA THR A 439 27.74 -0.64 -9.88
C THR A 439 26.89 -1.88 -10.08
N LEU A 440 26.97 -2.84 -9.19
CA LEU A 440 25.89 -3.80 -9.22
C LEU A 440 24.65 -3.26 -8.53
N THR A 441 24.77 -2.13 -7.84
CA THR A 441 23.62 -1.47 -7.27
C THR A 441 23.53 -0.06 -7.84
N LEU A 442 22.68 0.74 -7.22
CA LEU A 442 22.37 2.07 -7.70
C LEU A 442 22.57 3.02 -6.55
N LYS A 443 23.06 4.21 -6.88
CA LYS A 443 23.29 5.16 -5.85
C LYS A 443 23.05 6.52 -6.47
N PRO A 444 22.44 7.44 -5.76
CA PRO A 444 22.38 8.81 -6.26
C PRO A 444 23.73 9.45 -6.07
N GLU A 445 24.56 9.34 -7.09
CA GLU A 445 25.95 9.74 -6.97
C GLU A 445 26.04 11.22 -6.70
N GLY A 446 26.86 11.59 -5.72
CA GLY A 446 27.06 12.98 -5.40
C GLY A 446 25.90 13.62 -4.68
N PHE A 447 24.93 12.81 -4.26
CA PHE A 447 23.81 13.37 -3.54
C PHE A 447 24.31 13.93 -2.23
N VAL A 448 24.07 15.20 -2.01
CA VAL A 448 24.54 15.88 -0.83
C VAL A 448 23.36 16.67 -0.27
N VAL A 449 23.34 16.79 1.04
CA VAL A 449 22.35 17.61 1.69
C VAL A 449 23.04 18.34 2.83
N LYS A 450 22.35 19.34 3.34
CA LYS A 450 22.71 19.88 4.64
C LYS A 450 21.67 19.43 5.62
N ALA A 451 22.10 19.05 6.81
CA ALA A 451 21.19 18.64 7.86
C ALA A 451 21.36 19.64 8.98
N LYS A 452 20.31 20.41 9.24
CA LYS A 452 20.31 21.34 10.35
C LYS A 452 19.71 20.63 11.55
N SER A 453 20.49 20.51 12.62
CA SER A 453 20.02 19.78 13.77
C SER A 453 18.80 20.45 14.37
N LYS A 454 17.81 19.62 14.71
CA LYS A 454 16.72 20.09 15.56
C LYS A 454 17.13 20.14 17.02
N LYS A 455 18.38 19.78 17.31
CA LYS A 455 18.96 19.90 18.66
C LYS A 455 18.17 19.07 19.66
N ILE A 456 17.75 17.89 19.23
CA ILE A 456 17.07 16.92 20.08
C ILE A 456 18.11 15.94 20.58
N PRO A 457 18.37 15.86 21.87
CA PRO A 457 19.46 15.01 22.36
C PRO A 457 19.15 13.54 22.14
N LEU A 458 20.22 12.75 22.17
CA LEU A 458 20.16 11.29 22.18
C LEU A 458 20.38 10.78 23.60
N GLU B 7 -8.91 14.35 32.19
CA GLU B 7 -10.33 14.07 32.34
C GLU B 7 -11.08 14.29 31.04
N MET B 8 -11.59 13.20 30.48
CA MET B 8 -12.11 13.26 29.13
C MET B 8 -13.46 13.95 29.09
N PRO B 9 -13.67 14.90 28.19
CA PRO B 9 -14.99 15.54 28.08
C PRO B 9 -16.06 14.52 27.78
N GLN B 10 -17.29 14.84 28.18
CA GLN B 10 -18.36 13.95 27.93
C GLN B 10 -19.59 14.83 27.78
N PRO B 11 -20.42 14.57 26.79
CA PRO B 11 -21.62 15.39 26.64
C PRO B 11 -22.63 15.10 27.73
N LYS B 12 -23.73 15.86 27.71
CA LYS B 12 -24.69 15.79 28.78
C LYS B 12 -25.28 14.40 28.90
N THR B 13 -25.56 14.02 30.12
CA THR B 13 -26.09 12.70 30.42
C THR B 13 -27.54 12.81 30.87
N PHE B 14 -28.20 11.67 30.84
CA PHE B 14 -29.60 11.54 31.15
C PHE B 14 -29.76 10.46 32.20
N GLY B 15 -29.20 10.74 33.37
CA GLY B 15 -29.22 9.75 34.44
C GLY B 15 -28.67 8.43 33.95
N GLU B 16 -29.41 7.36 34.24
CA GLU B 16 -28.95 6.01 33.93
C GLU B 16 -28.91 5.72 32.44
N LEU B 17 -29.56 6.53 31.62
CA LEU B 17 -29.39 6.38 30.18
C LEU B 17 -28.07 6.94 29.69
N LYS B 18 -27.31 7.60 30.57
CA LYS B 18 -25.98 8.15 30.24
C LYS B 18 -26.16 9.07 29.04
N ASN B 19 -25.39 8.90 27.98
CA ASN B 19 -25.48 9.75 26.81
C ASN B 19 -26.41 9.19 25.77
N LEU B 20 -26.95 7.99 25.98
CA LEU B 20 -27.71 7.34 24.92
C LEU B 20 -28.78 8.21 24.30
N PRO B 21 -29.56 8.99 25.05
CA PRO B 21 -30.59 9.82 24.41
C PRO B 21 -30.04 10.83 23.42
N LEU B 22 -28.76 11.18 23.51
CA LEU B 22 -28.20 12.10 22.52
C LEU B 22 -28.25 11.52 21.13
N LEU B 23 -28.27 10.21 21.01
CA LEU B 23 -28.35 9.58 19.71
C LEU B 23 -29.77 9.25 19.33
N ASN B 24 -30.72 9.53 20.21
CA ASN B 24 -32.14 9.39 19.88
C ASN B 24 -32.58 10.68 19.21
N THR B 25 -32.13 10.84 17.98
CA THR B 25 -32.31 12.05 17.22
C THR B 25 -32.28 11.64 15.76
N ASP B 26 -32.99 12.41 14.93
CA ASP B 26 -33.02 12.14 13.50
C ASP B 26 -31.62 12.13 12.90
N LYS B 27 -30.72 12.92 13.43
CA LYS B 27 -29.43 13.18 12.80
C LYS B 27 -28.32 12.93 13.81
N PRO B 28 -28.09 11.67 14.16
CA PRO B 28 -27.12 11.38 15.22
C PRO B 28 -25.70 11.75 14.86
N VAL B 29 -25.26 11.48 13.62
CA VAL B 29 -23.90 11.87 13.25
C VAL B 29 -23.74 13.37 13.37
N GLN B 30 -24.72 14.11 12.87
CA GLN B 30 -24.62 15.55 13.00
C GLN B 30 -24.69 15.98 14.45
N ALA B 31 -25.47 15.25 15.27
CA ALA B 31 -25.48 15.55 16.69
C ALA B 31 -24.11 15.31 17.29
N LEU B 32 -23.46 14.21 16.89
CA LEU B 32 -22.15 13.93 17.42
C LEU B 32 -21.14 14.94 16.92
N MET B 33 -21.31 15.43 15.71
CA MET B 33 -20.40 16.46 15.22
C MET B 33 -20.55 17.72 16.03
N LYS B 34 -21.79 18.07 16.37
CA LYS B 34 -22.01 19.24 17.21
C LYS B 34 -21.41 19.02 18.59
N ILE B 35 -21.55 17.82 19.13
CA ILE B 35 -20.91 17.53 20.41
C ILE B 35 -19.40 17.67 20.27
N ALA B 36 -18.85 17.12 19.19
CA ALA B 36 -17.42 17.26 18.95
C ALA B 36 -17.04 18.73 18.83
N ASP B 37 -17.86 19.52 18.13
CA ASP B 37 -17.60 20.96 18.07
C ASP B 37 -17.52 21.54 19.46
N GLU B 38 -18.42 21.13 20.33
CA GLU B 38 -18.48 21.71 21.67
C GLU B 38 -17.37 21.18 22.56
N LEU B 39 -17.11 19.88 22.48
CA LEU B 39 -16.24 19.22 23.45
C LEU B 39 -14.84 19.01 22.94
N GLY B 40 -14.65 19.06 21.64
CA GLY B 40 -13.31 18.97 21.10
C GLY B 40 -12.99 17.60 20.56
N GLU B 41 -11.70 17.30 20.54
CA GLU B 41 -11.18 16.21 19.74
C GLU B 41 -11.54 14.85 20.29
N ILE B 42 -11.94 14.77 21.55
CA ILE B 42 -12.26 13.48 22.14
C ILE B 42 -13.35 13.68 23.16
N PHE B 43 -14.39 12.88 23.08
CA PHE B 43 -15.32 12.86 24.17
C PHE B 43 -15.77 11.45 24.43
N LYS B 44 -15.98 11.18 25.70
CA LYS B 44 -16.52 9.91 26.12
C LYS B 44 -17.99 9.91 25.81
N PHE B 45 -18.48 8.77 25.38
CA PHE B 45 -19.89 8.62 25.12
C PHE B 45 -20.31 7.32 25.75
N GLU B 46 -21.22 7.40 26.70
CA GLU B 46 -21.62 6.23 27.46
C GLU B 46 -23.09 5.97 27.20
N ALA B 47 -23.42 4.70 27.09
CA ALA B 47 -24.79 4.23 27.04
C ALA B 47 -24.83 3.07 28.01
N PRO B 48 -26.01 2.63 28.39
CA PRO B 48 -26.09 1.44 29.25
C PRO B 48 -25.25 0.31 28.67
N GLY B 49 -24.29 -0.18 29.44
CA GLY B 49 -23.42 -1.25 28.99
C GLY B 49 -22.50 -0.93 27.84
N ARG B 50 -22.30 0.35 27.51
CA ARG B 50 -21.42 0.73 26.41
C ARG B 50 -20.64 1.97 26.81
N VAL B 51 -19.35 1.96 26.54
CA VAL B 51 -18.51 3.15 26.64
C VAL B 51 -17.73 3.24 25.34
N THR B 52 -17.72 4.42 24.76
CA THR B 52 -16.84 4.64 23.64
C THR B 52 -16.34 6.06 23.73
N ARG B 53 -15.38 6.38 22.88
CA ARG B 53 -14.78 7.71 22.88
C ARG B 53 -14.77 8.15 21.45
N TYR B 54 -15.43 9.25 21.17
CA TYR B 54 -15.51 9.78 19.83
C TYR B 54 -14.30 10.65 19.60
N LEU B 55 -13.55 10.33 18.58
CA LEU B 55 -12.35 11.06 18.22
C LEU B 55 -12.67 11.90 17.01
N SER B 56 -12.22 13.13 17.04
CA SER B 56 -12.54 14.05 15.96
C SER B 56 -11.32 14.78 15.45
N SER B 57 -10.16 14.60 16.04
CA SER B 57 -9.01 15.33 15.59
C SER B 57 -8.08 14.37 14.88
N GLN B 58 -7.40 14.91 13.87
CA GLN B 58 -6.40 14.11 13.21
C GLN B 58 -5.30 13.71 14.18
N ARG B 59 -5.02 14.58 15.16
CA ARG B 59 -3.98 14.31 16.13
C ARG B 59 -4.20 12.99 16.83
N LEU B 60 -5.44 12.75 17.24
CA LEU B 60 -5.75 11.51 17.94
C LEU B 60 -6.06 10.41 16.97
N ILE B 61 -6.74 10.74 15.87
CA ILE B 61 -7.13 9.70 14.94
C ILE B 61 -5.92 9.08 14.27
N LYS B 62 -4.88 9.86 14.02
CA LYS B 62 -3.70 9.25 13.43
C LYS B 62 -3.13 8.16 14.33
N GLU B 63 -3.29 8.30 15.64
CA GLU B 63 -2.86 7.25 16.54
C GLU B 63 -3.85 6.11 16.57
N ALA B 64 -5.15 6.43 16.54
CA ALA B 64 -6.16 5.39 16.49
C ALA B 64 -6.00 4.53 15.26
N CYS B 65 -5.41 5.09 14.21
CA CYS B 65 -5.25 4.37 12.96
C CYS B 65 -4.01 3.50 12.96
N ASP B 66 -3.28 3.49 14.06
CA ASP B 66 -2.13 2.60 14.20
C ASP B 66 -2.68 1.22 14.46
N GLU B 67 -2.58 0.36 13.45
CA GLU B 67 -3.13 -0.98 13.57
C GLU B 67 -2.38 -1.84 14.57
N SER B 68 -1.16 -1.47 14.96
CA SER B 68 -0.50 -2.20 16.03
C SER B 68 -1.17 -1.95 17.36
N ARG B 69 -1.83 -0.81 17.51
CA ARG B 69 -2.46 -0.44 18.77
C ARG B 69 -3.96 -0.58 18.75
N PHE B 70 -4.57 -0.48 17.58
CA PHE B 70 -6.01 -0.47 17.50
C PHE B 70 -6.45 -1.32 16.33
N ASP B 71 -7.49 -2.09 16.58
CA ASP B 71 -8.09 -2.91 15.55
C ASP B 71 -9.51 -2.44 15.37
N LYS B 72 -10.09 -2.81 14.23
CA LYS B 72 -11.47 -2.47 13.98
C LYS B 72 -12.36 -3.08 15.05
N ASN B 73 -13.23 -2.26 15.59
CA ASN B 73 -14.26 -2.71 16.48
C ASN B 73 -15.56 -2.66 15.70
N LEU B 74 -16.47 -3.57 16.01
CA LEU B 74 -17.81 -3.43 15.45
C LEU B 74 -18.55 -2.46 16.34
N SER B 75 -18.87 -1.29 15.81
CA SER B 75 -19.75 -0.38 16.51
C SER B 75 -21.06 -1.10 16.75
N GLN B 76 -21.87 -0.54 17.64
CA GLN B 76 -23.17 -1.15 17.88
C GLN B 76 -23.96 -1.24 16.57
N ALA B 77 -23.84 -0.22 15.73
CA ALA B 77 -24.50 -0.24 14.42
C ALA B 77 -24.04 -1.44 13.61
N LEU B 78 -22.72 -1.63 13.51
CA LEU B 78 -22.22 -2.76 12.77
C LEU B 78 -22.63 -4.08 13.41
N LYS B 79 -22.65 -4.14 14.75
CA LYS B 79 -23.09 -5.37 15.39
C LYS B 79 -24.51 -5.70 15.01
N PHE B 80 -25.37 -4.68 14.94
CA PHE B 80 -26.75 -4.96 14.55
C PHE B 80 -26.84 -5.30 13.08
N VAL B 81 -26.01 -4.65 12.26
CA VAL B 81 -26.02 -4.98 10.84
C VAL B 81 -25.46 -6.37 10.62
N ARG B 82 -24.54 -6.81 11.48
CA ARG B 82 -24.01 -8.17 11.39
C ARG B 82 -25.13 -9.20 11.45
N ASP B 83 -26.25 -8.87 12.08
CA ASP B 83 -27.35 -9.83 12.09
C ASP B 83 -27.84 -10.17 10.69
N PHE B 84 -27.58 -9.30 9.70
CA PHE B 84 -27.88 -9.67 8.31
C PHE B 84 -26.70 -9.61 7.37
N ALA B 85 -25.64 -8.87 7.70
CA ALA B 85 -24.43 -8.91 6.90
C ALA B 85 -23.45 -9.97 7.39
N GLY B 86 -23.79 -10.64 8.49
CA GLY B 86 -23.06 -11.80 8.95
C GLY B 86 -21.60 -11.52 9.11
N ASP B 87 -20.78 -12.48 8.73
CA ASP B 87 -19.34 -12.29 8.73
C ASP B 87 -18.85 -11.89 7.35
N GLY B 88 -19.66 -11.11 6.64
CA GLY B 88 -19.15 -10.37 5.52
C GLY B 88 -18.05 -9.45 5.96
N LEU B 89 -17.39 -8.83 4.99
CA LEU B 89 -16.16 -8.12 5.31
C LEU B 89 -16.38 -6.97 6.28
N VAL B 90 -17.47 -6.22 6.14
CA VAL B 90 -17.64 -5.03 6.98
CA VAL B 90 -17.61 -5.04 6.99
C VAL B 90 -17.99 -5.42 8.40
N THR B 91 -18.72 -6.50 8.58
CA THR B 91 -19.26 -6.83 9.88
C THR B 91 -18.51 -7.96 10.53
N SER B 92 -17.37 -8.32 9.98
CA SER B 92 -16.56 -9.35 10.59
C SER B 92 -15.49 -8.70 11.44
N TRP B 93 -15.12 -9.37 12.50
CA TRP B 93 -13.97 -8.97 13.26
C TRP B 93 -12.72 -9.43 12.53
N THR B 94 -11.68 -8.66 12.68
CA THR B 94 -10.43 -8.95 11.97
C THR B 94 -9.94 -10.34 12.29
N HIS B 95 -10.19 -10.81 13.51
CA HIS B 95 -9.69 -12.10 13.93
C HIS B 95 -10.58 -13.25 13.47
N GLU B 96 -11.69 -12.96 12.82
CA GLU B 96 -12.52 -14.03 12.34
C GLU B 96 -11.90 -14.56 11.07
N LYS B 97 -11.87 -15.89 10.96
CA LYS B 97 -11.23 -16.53 9.82
C LYS B 97 -11.82 -16.02 8.51
N ASN B 98 -13.12 -15.79 8.49
CA ASN B 98 -13.76 -15.35 7.27
C ASN B 98 -13.40 -13.94 6.89
N TRP B 99 -12.91 -13.15 7.83
CA TRP B 99 -12.47 -11.84 7.43
C TRP B 99 -11.25 -11.94 6.55
N LYS B 100 -10.16 -12.50 7.06
CA LYS B 100 -8.93 -12.52 6.28
C LYS B 100 -9.10 -13.33 5.04
N LYS B 101 -9.87 -14.40 5.13
CA LYS B 101 -10.12 -15.18 3.92
C LYS B 101 -10.80 -14.32 2.87
N ALA B 102 -11.91 -13.68 3.24
CA ALA B 102 -12.62 -12.88 2.26
C ALA B 102 -11.77 -11.70 1.81
N HIS B 103 -11.07 -11.08 2.77
CA HIS B 103 -10.18 -9.97 2.43
C HIS B 103 -9.17 -10.40 1.38
N ASN B 104 -8.49 -11.52 1.62
CA ASN B 104 -7.48 -11.95 0.65
C ASN B 104 -8.10 -12.31 -0.67
N ILE B 105 -9.23 -12.99 -0.64
CA ILE B 105 -9.86 -13.44 -1.86
C ILE B 105 -10.38 -12.25 -2.64
N LEU B 106 -10.93 -11.26 -1.96
CA LEU B 106 -11.63 -10.21 -2.65
C LEU B 106 -10.75 -9.05 -3.04
N LEU B 107 -9.60 -8.88 -2.41
CA LEU B 107 -8.77 -7.74 -2.77
C LEU B 107 -8.53 -7.62 -4.27
N PRO B 108 -8.13 -8.68 -5.00
CA PRO B 108 -7.94 -8.52 -6.44
C PRO B 108 -9.21 -8.22 -7.19
N SER B 109 -10.37 -8.52 -6.61
CA SER B 109 -11.62 -8.18 -7.24
C SER B 109 -11.93 -6.72 -7.12
N PHE B 110 -11.25 -6.02 -6.25
CA PHE B 110 -11.61 -4.66 -5.93
C PHE B 110 -10.48 -3.71 -6.23
N SER B 111 -9.40 -4.20 -6.81
CA SER B 111 -8.27 -3.36 -7.09
C SER B 111 -8.58 -2.43 -8.26
N GLN B 112 -7.70 -1.44 -8.44
CA GLN B 112 -7.77 -0.61 -9.65
C GLN B 112 -7.80 -1.47 -10.90
N GLN B 113 -6.98 -2.52 -10.96
CA GLN B 113 -6.94 -3.35 -12.15
C GLN B 113 -8.28 -4.04 -12.38
N ALA B 114 -8.94 -4.47 -11.30
CA ALA B 114 -10.27 -5.06 -11.45
C ALA B 114 -11.25 -4.05 -11.99
N MET B 115 -11.06 -2.76 -11.69
CA MET B 115 -11.96 -1.74 -12.17
C MET B 115 -11.99 -1.70 -13.70
N LYS B 116 -10.86 -1.97 -14.35
CA LYS B 116 -10.87 -2.01 -15.80
C LYS B 116 -11.89 -3.02 -16.30
N GLY B 117 -12.01 -4.15 -15.61
CA GLY B 117 -12.95 -5.17 -16.02
C GLY B 117 -14.39 -4.81 -15.70
N TYR B 118 -14.62 -4.07 -14.61
CA TYR B 118 -15.97 -3.65 -14.28
C TYR B 118 -16.39 -2.45 -15.09
N HIS B 119 -15.45 -1.80 -15.76
CA HIS B 119 -15.72 -0.48 -16.30
C HIS B 119 -16.91 -0.51 -17.25
N ALA B 120 -16.95 -1.51 -18.14
CA ALA B 120 -18.02 -1.54 -19.12
C ALA B 120 -19.37 -1.67 -18.45
N MET B 121 -19.46 -2.49 -17.40
CA MET B 121 -20.71 -2.61 -16.67
C MET B 121 -21.05 -1.31 -15.97
N MET B 122 -20.04 -0.63 -15.43
CA MET B 122 -20.31 0.65 -14.84
C MET B 122 -20.81 1.63 -15.89
N VAL B 123 -20.19 1.61 -17.06
CA VAL B 123 -20.63 2.49 -18.15
C VAL B 123 -22.06 2.18 -18.49
N ASP B 124 -22.41 0.90 -18.53
CA ASP B 124 -23.76 0.50 -18.87
C ASP B 124 -24.76 1.24 -17.99
N ILE B 125 -24.51 1.24 -16.68
CA ILE B 125 -25.44 1.90 -15.79
C ILE B 125 -25.29 3.40 -15.89
N ALA B 126 -24.06 3.89 -16.00
CA ALA B 126 -23.87 5.32 -16.09
C ALA B 126 -24.59 5.89 -17.29
N VAL B 127 -24.54 5.17 -18.41
CA VAL B 127 -25.25 5.64 -19.59
C VAL B 127 -26.75 5.65 -19.34
N GLN B 128 -27.24 4.67 -18.59
CA GLN B 128 -28.66 4.69 -18.25
C GLN B 128 -29.02 5.93 -17.46
N LEU B 129 -28.18 6.30 -16.51
CA LEU B 129 -28.40 7.53 -15.78
C LEU B 129 -28.44 8.71 -16.73
N VAL B 130 -27.42 8.84 -17.57
CA VAL B 130 -27.36 9.96 -18.49
C VAL B 130 -28.58 9.96 -19.39
N GLN B 131 -28.93 8.79 -19.92
CA GLN B 131 -30.10 8.69 -20.78
C GLN B 131 -31.36 9.11 -20.05
N LYS B 132 -31.49 8.73 -18.77
CA LYS B 132 -32.68 9.15 -18.03
C LYS B 132 -32.77 10.65 -18.01
N TRP B 133 -31.65 11.30 -17.70
CA TRP B 133 -31.66 12.74 -17.57
C TRP B 133 -31.79 13.42 -18.92
N GLU B 134 -31.20 12.82 -19.96
CA GLU B 134 -31.40 13.34 -21.30
C GLU B 134 -32.86 13.30 -21.68
N ARG B 135 -33.60 12.37 -21.11
CA ARG B 135 -34.97 12.14 -21.50
C ARG B 135 -35.96 12.88 -20.64
N LEU B 136 -35.50 13.60 -19.62
CA LEU B 136 -36.45 14.38 -18.86
C LEU B 136 -36.99 15.51 -19.71
N ASN B 137 -38.23 15.86 -19.45
CA ASN B 137 -38.81 16.99 -20.13
C ASN B 137 -38.32 18.28 -19.51
N ALA B 138 -38.59 19.38 -20.21
CA ALA B 138 -38.00 20.67 -19.85
C ALA B 138 -38.35 21.06 -18.42
N ASP B 139 -39.57 20.81 -17.98
CA ASP B 139 -39.98 21.30 -16.67
C ASP B 139 -39.39 20.48 -15.54
N GLU B 140 -38.92 19.28 -15.84
CA GLU B 140 -38.69 18.30 -14.81
C GLU B 140 -37.34 18.50 -14.15
N HIS B 141 -37.20 17.88 -13.00
CA HIS B 141 -35.96 17.94 -12.28
C HIS B 141 -35.57 16.54 -11.90
N ILE B 142 -34.40 16.45 -11.32
CA ILE B 142 -33.78 15.21 -10.92
C ILE B 142 -33.86 15.14 -9.41
N GLU B 143 -34.30 14.00 -8.91
CA GLU B 143 -34.17 13.68 -7.49
C GLU B 143 -32.81 13.02 -7.37
N VAL B 144 -31.84 13.80 -6.93
CA VAL B 144 -30.46 13.39 -7.07
C VAL B 144 -30.15 12.13 -6.28
N PRO B 145 -30.39 12.07 -4.97
CA PRO B 145 -30.03 10.84 -4.25
C PRO B 145 -30.73 9.63 -4.80
N GLU B 146 -32.00 9.77 -5.16
CA GLU B 146 -32.70 8.63 -5.70
C GLU B 146 -32.04 8.14 -6.98
N ASP B 147 -31.70 9.07 -7.87
CA ASP B 147 -31.06 8.65 -9.13
C ASP B 147 -29.64 8.16 -8.89
N MET B 148 -28.92 8.78 -7.98
CA MET B 148 -27.60 8.27 -7.69
C MET B 148 -27.68 6.88 -7.10
N THR B 149 -28.71 6.63 -6.29
CA THR B 149 -28.89 5.29 -5.75
C THR B 149 -29.27 4.32 -6.84
N ARG B 150 -30.10 4.73 -7.78
CA ARG B 150 -30.35 3.87 -8.94
C ARG B 150 -29.03 3.50 -9.59
N LEU B 151 -28.16 4.48 -9.79
CA LEU B 151 -26.88 4.23 -10.45
C LEU B 151 -26.03 3.30 -9.61
N THR B 152 -25.85 3.62 -8.33
CA THR B 152 -24.88 2.84 -7.59
C THR B 152 -25.41 1.45 -7.31
N LEU B 153 -26.70 1.33 -6.97
CA LEU B 153 -27.28 0.02 -6.76
C LEU B 153 -27.14 -0.82 -8.02
N ASP B 154 -27.53 -0.27 -9.16
CA ASP B 154 -27.44 -1.06 -10.37
C ASP B 154 -26.01 -1.44 -10.69
N THR B 155 -25.08 -0.55 -10.40
CA THR B 155 -23.69 -0.82 -10.72
C THR B 155 -23.17 -1.96 -9.88
N ILE B 156 -23.47 -1.96 -8.57
CA ILE B 156 -22.99 -3.06 -7.75
C ILE B 156 -23.75 -4.34 -8.07
N GLY B 157 -25.04 -4.26 -8.40
CA GLY B 157 -25.72 -5.47 -8.82
C GLY B 157 -25.08 -6.06 -10.05
N LEU B 158 -24.75 -5.23 -11.02
CA LEU B 158 -24.21 -5.73 -12.27
C LEU B 158 -22.79 -6.21 -12.06
N CYS B 159 -21.95 -5.39 -11.43
CA CYS B 159 -20.58 -5.80 -11.20
C CYS B 159 -20.46 -6.83 -10.09
N GLY B 160 -21.40 -6.84 -9.16
CA GLY B 160 -21.32 -7.79 -8.07
C GLY B 160 -21.68 -9.18 -8.53
N PHE B 161 -22.81 -9.29 -9.23
CA PHE B 161 -23.28 -10.62 -9.55
C PHE B 161 -24.10 -10.64 -10.82
N ASN B 162 -23.82 -9.72 -11.74
CA ASN B 162 -24.43 -9.75 -13.06
C ASN B 162 -25.95 -9.73 -12.97
N TYR B 163 -26.45 -9.02 -11.98
CA TYR B 163 -27.88 -8.89 -11.77
C TYR B 163 -28.26 -7.47 -12.11
N ARG B 164 -29.32 -7.31 -12.87
CA ARG B 164 -29.82 -6.00 -13.23
C ARG B 164 -30.96 -5.64 -12.30
N PHE B 165 -30.67 -4.76 -11.36
CA PHE B 165 -31.76 -4.23 -10.55
C PHE B 165 -32.69 -3.38 -11.38
N ASN B 166 -32.19 -2.87 -12.51
CA ASN B 166 -33.04 -2.14 -13.42
C ASN B 166 -33.71 -0.98 -12.70
N SER B 167 -32.95 -0.33 -11.84
CA SER B 167 -33.49 0.74 -11.01
C SER B 167 -34.00 1.88 -11.85
N PHE B 168 -33.44 2.06 -13.03
CA PHE B 168 -33.95 3.16 -13.85
C PHE B 168 -35.29 2.86 -14.46
N TYR B 169 -35.74 1.61 -14.39
CA TYR B 169 -37.05 1.23 -14.89
C TYR B 169 -38.14 1.32 -13.83
N ARG B 170 -37.79 1.59 -12.58
CA ARG B 170 -38.70 1.41 -11.46
C ARG B 170 -38.59 2.60 -10.52
N ASP B 171 -39.66 2.81 -9.75
CA ASP B 171 -39.58 3.57 -8.53
C ASP B 171 -39.76 2.71 -7.29
N GLN B 172 -40.47 1.60 -7.41
CA GLN B 172 -40.57 0.66 -6.30
C GLN B 172 -39.22 0.00 -6.11
N PRO B 173 -38.69 -0.04 -4.90
CA PRO B 173 -37.43 -0.74 -4.69
C PRO B 173 -37.57 -2.23 -4.94
N HIS B 174 -36.46 -2.83 -5.31
CA HIS B 174 -36.38 -4.27 -5.43
C HIS B 174 -36.71 -4.91 -4.08
N PRO B 175 -37.39 -6.06 -4.06
CA PRO B 175 -37.71 -6.69 -2.78
C PRO B 175 -36.51 -6.90 -1.87
N PHE B 176 -35.35 -7.23 -2.43
CA PHE B 176 -34.17 -7.34 -1.59
C PHE B 176 -33.90 -6.00 -0.93
N ILE B 177 -34.00 -4.93 -1.71
CA ILE B 177 -33.65 -3.61 -1.21
C ILE B 177 -34.65 -3.16 -0.16
N THR B 178 -35.93 -3.45 -0.38
CA THR B 178 -36.92 -3.18 0.65
C THR B 178 -36.51 -3.81 1.98
N SER B 179 -36.14 -5.09 1.94
CA SER B 179 -35.76 -5.76 3.18
C SER B 179 -34.44 -5.23 3.71
N MET B 180 -33.49 -4.96 2.81
CA MET B 180 -32.20 -4.47 3.24
C MET B 180 -32.35 -3.11 3.89
N VAL B 181 -33.06 -2.20 3.23
CA VAL B 181 -33.30 -0.88 3.80
C VAL B 181 -34.02 -0.99 5.14
N ARG B 182 -35.02 -1.88 5.21
CA ARG B 182 -35.77 -2.02 6.44
C ARG B 182 -34.95 -2.69 7.53
N ALA B 183 -34.06 -3.60 7.15
CA ALA B 183 -33.18 -4.21 8.14
C ALA B 183 -32.14 -3.21 8.64
N LEU B 184 -31.60 -2.40 7.72
CA LEU B 184 -30.70 -1.34 8.11
C LEU B 184 -31.41 -0.35 9.02
N ASP B 185 -32.65 -0.01 8.66
CA ASP B 185 -33.46 0.85 9.51
C ASP B 185 -33.65 0.25 10.89
N GLU B 186 -33.94 -1.06 10.95
CA GLU B 186 -34.10 -1.70 12.24
C GLU B 186 -32.81 -1.69 13.03
N ALA B 187 -31.69 -1.98 12.37
CA ALA B 187 -30.38 -1.87 13.01
C ALA B 187 -30.18 -0.47 13.57
N MET B 188 -30.51 0.55 12.78
CA MET B 188 -30.33 1.92 13.25
C MET B 188 -31.30 2.26 14.36
N ASN B 189 -32.56 1.84 14.22
CA ASN B 189 -33.54 2.09 15.27
C ASN B 189 -33.16 1.39 16.57
N LYS B 190 -32.52 0.21 16.47
CA LYS B 190 -32.06 -0.49 17.66
C LYS B 190 -31.00 0.30 18.42
N LEU B 191 -30.29 1.21 17.74
CA LEU B 191 -29.32 2.06 18.43
C LEU B 191 -30.03 3.08 19.32
N GLN B 192 -31.00 3.79 18.76
CA GLN B 192 -31.72 4.85 19.45
C GLN B 192 -32.64 4.35 20.54
N ARG B 193 -32.80 3.04 20.69
CA ARG B 193 -33.79 2.50 21.62
C ARG B 193 -33.23 2.54 23.04
N ALA B 194 -33.74 3.47 23.85
CA ALA B 194 -33.47 3.41 25.29
C ALA B 194 -34.10 2.17 25.92
N ASN B 195 -35.20 1.68 25.34
CA ASN B 195 -35.98 0.58 25.90
C ASN B 195 -35.27 -0.76 25.67
N PRO B 196 -35.51 -1.74 26.56
CA PRO B 196 -34.92 -3.08 26.36
C PRO B 196 -35.59 -3.82 25.22
N ASP B 197 -35.24 -5.10 25.04
CA ASP B 197 -35.86 -5.92 24.01
C ASP B 197 -37.17 -6.53 24.53
N ASP B 198 -38.09 -5.62 24.82
CA ASP B 198 -39.41 -5.91 25.33
C ASP B 198 -40.28 -6.56 24.25
N PRO B 199 -41.49 -6.99 24.60
CA PRO B 199 -42.47 -7.35 23.56
C PRO B 199 -43.01 -6.16 22.77
N ALA B 200 -42.61 -4.93 23.09
CA ALA B 200 -43.10 -3.78 22.33
C ALA B 200 -42.52 -3.76 20.93
N TYR B 201 -41.19 -3.88 20.82
CA TYR B 201 -40.53 -3.96 19.54
C TYR B 201 -40.60 -5.35 18.91
N ASP B 202 -41.45 -6.22 19.47
CA ASP B 202 -41.55 -7.61 19.00
C ASP B 202 -41.92 -7.69 17.52
N GLU B 203 -42.73 -6.74 17.04
CA GLU B 203 -43.05 -6.73 15.61
C GLU B 203 -41.84 -6.31 14.79
N ASN B 204 -41.08 -5.33 15.27
CA ASN B 204 -39.84 -4.96 14.60
C ASN B 204 -38.89 -6.16 14.53
N LYS B 205 -38.86 -6.98 15.58
CA LYS B 205 -38.02 -8.17 15.55
C LYS B 205 -38.52 -9.18 14.52
N ARG B 206 -39.83 -9.43 14.50
CA ARG B 206 -40.41 -10.31 13.50
C ARG B 206 -40.11 -9.80 12.09
N GLN B 207 -40.33 -8.50 11.88
CA GLN B 207 -40.03 -7.92 10.57
C GLN B 207 -38.55 -8.05 10.23
N PHE B 208 -37.68 -7.77 11.21
CA PHE B 208 -36.24 -7.92 11.00
C PHE B 208 -35.91 -9.32 10.55
N GLN B 209 -36.42 -10.33 11.26
CA GLN B 209 -36.14 -11.71 10.90
C GLN B 209 -36.68 -12.02 9.51
N GLU B 210 -37.86 -11.50 9.18
CA GLU B 210 -38.40 -11.70 7.84
C GLU B 210 -37.52 -11.03 6.81
N ASP B 211 -37.02 -9.84 7.12
CA ASP B 211 -36.14 -9.14 6.19
C ASP B 211 -34.82 -9.88 6.03
N ILE B 212 -34.25 -10.37 7.13
CA ILE B 212 -33.04 -11.19 7.07
C ILE B 212 -33.29 -12.39 6.16
N LYS B 213 -34.40 -13.09 6.40
CA LYS B 213 -34.73 -14.25 5.58
C LYS B 213 -34.90 -13.86 4.12
N VAL B 214 -35.56 -12.74 3.85
CA VAL B 214 -35.67 -12.28 2.46
C VAL B 214 -34.29 -12.12 1.86
N MET B 215 -33.42 -11.37 2.53
CA MET B 215 -32.11 -11.11 1.97
C MET B 215 -31.34 -12.41 1.80
N ASN B 216 -31.39 -13.28 2.79
CA ASN B 216 -30.67 -14.54 2.68
C ASN B 216 -31.21 -15.36 1.54
N ASP B 217 -32.54 -15.49 1.47
CA ASP B 217 -33.13 -16.32 0.44
C ASP B 217 -32.81 -15.79 -0.95
N LEU B 218 -32.94 -14.48 -1.14
CA LEU B 218 -32.69 -13.91 -2.46
C LEU B 218 -31.23 -14.04 -2.85
N VAL B 219 -30.33 -13.69 -1.95
CA VAL B 219 -28.91 -13.78 -2.27
C VAL B 219 -28.49 -15.23 -2.42
N ASP B 220 -28.99 -16.10 -1.54
CA ASP B 220 -28.66 -17.52 -1.65
C ASP B 220 -29.07 -18.05 -3.01
N LYS B 221 -30.23 -17.61 -3.51
CA LYS B 221 -30.68 -18.09 -4.81
C LYS B 221 -29.79 -17.52 -5.92
N ILE B 222 -29.35 -16.28 -5.77
CA ILE B 222 -28.41 -15.71 -6.72
C ILE B 222 -27.17 -16.58 -6.80
N ILE B 223 -26.64 -16.95 -5.64
CA ILE B 223 -25.45 -17.78 -5.61
C ILE B 223 -25.75 -19.14 -6.20
N ALA B 224 -26.84 -19.75 -5.73
CA ALA B 224 -27.22 -21.06 -6.24
C ALA B 224 -27.44 -21.02 -7.75
N ASP B 225 -28.14 -20.00 -8.25
CA ASP B 225 -28.36 -19.92 -9.68
C ASP B 225 -27.04 -19.81 -10.43
N ARG B 226 -26.10 -19.03 -9.89
CA ARG B 226 -24.82 -18.88 -10.56
C ARG B 226 -24.05 -20.18 -10.58
N LYS B 227 -24.05 -20.89 -9.45
CA LYS B 227 -23.40 -22.20 -9.44
C LYS B 227 -24.09 -23.15 -10.40
N ALA B 228 -25.42 -23.08 -10.49
CA ALA B 228 -26.16 -24.00 -11.33
C ALA B 228 -25.94 -23.69 -12.82
N SER B 229 -25.72 -22.43 -13.16
CA SER B 229 -25.55 -22.07 -14.56
C SER B 229 -24.14 -22.35 -15.06
N GLY B 230 -23.16 -22.43 -14.16
CA GLY B 230 -21.76 -22.57 -14.53
C GLY B 230 -21.13 -21.33 -15.13
N GLU B 231 -21.89 -20.25 -15.32
CA GLU B 231 -21.40 -19.10 -16.05
C GLU B 231 -20.28 -18.39 -15.28
N GLN B 232 -19.30 -17.91 -16.03
CA GLN B 232 -18.14 -17.21 -15.47
C GLN B 232 -18.21 -15.75 -15.91
N SER B 233 -19.14 -15.01 -15.32
CA SER B 233 -19.52 -13.69 -15.82
C SER B 233 -18.59 -12.57 -15.39
N ASP B 234 -17.41 -12.88 -14.84
CA ASP B 234 -16.38 -11.86 -14.61
C ASP B 234 -16.85 -10.81 -13.61
N ASP B 235 -17.43 -11.28 -12.51
CA ASP B 235 -17.95 -10.37 -11.50
C ASP B 235 -17.49 -10.84 -10.12
N LEU B 236 -17.88 -10.06 -9.11
CA LEU B 236 -17.50 -10.38 -7.74
C LEU B 236 -17.96 -11.78 -7.36
N LEU B 237 -19.15 -12.16 -7.79
CA LEU B 237 -19.65 -13.48 -7.42
C LEU B 237 -18.79 -14.57 -8.03
N THR B 238 -18.43 -14.43 -9.31
CA THR B 238 -17.54 -15.41 -9.91
C THR B 238 -16.23 -15.48 -9.15
N HIS B 239 -15.67 -14.32 -8.80
CA HIS B 239 -14.42 -14.32 -8.07
C HIS B 239 -14.56 -15.00 -6.74
N MET B 240 -15.70 -14.82 -6.07
CA MET B 240 -15.87 -15.47 -4.78
C MET B 240 -16.13 -16.95 -4.94
N LEU B 241 -16.85 -17.34 -5.99
CA LEU B 241 -17.08 -18.77 -6.20
C LEU B 241 -15.78 -19.47 -6.57
N ASN B 242 -14.88 -18.78 -7.26
CA ASN B 242 -13.68 -19.42 -7.78
C ASN B 242 -12.45 -19.12 -6.95
N GLY B 243 -12.47 -18.04 -6.18
CA GLY B 243 -11.27 -17.60 -5.52
C GLY B 243 -10.91 -18.52 -4.37
N LYS B 244 -9.62 -18.59 -4.12
CA LYS B 244 -9.12 -19.33 -2.99
C LYS B 244 -8.22 -18.38 -2.23
N ASP B 245 -8.37 -18.39 -0.93
CA ASP B 245 -7.57 -17.52 -0.12
C ASP B 245 -6.14 -18.06 -0.15
N PRO B 246 -5.14 -17.26 -0.52
CA PRO B 246 -3.77 -17.80 -0.54
C PRO B 246 -3.31 -18.32 0.80
N GLU B 247 -3.72 -17.70 1.92
CA GLU B 247 -3.21 -18.17 3.21
C GLU B 247 -3.77 -19.55 3.54
N THR B 248 -5.09 -19.65 3.67
CA THR B 248 -5.69 -20.92 4.05
C THR B 248 -5.82 -21.87 2.88
N GLY B 249 -5.77 -21.36 1.65
CA GLY B 249 -6.11 -22.16 0.50
C GLY B 249 -7.59 -22.42 0.36
N GLU B 250 -8.38 -21.87 1.20
CA GLU B 250 -9.80 -22.15 1.18
C GLU B 250 -10.55 -21.11 0.39
N PRO B 251 -11.62 -21.53 -0.24
CA PRO B 251 -12.56 -20.58 -0.84
C PRO B 251 -13.53 -20.11 0.24
N LEU B 252 -14.26 -19.06 -0.10
CA LEU B 252 -15.38 -18.68 0.73
C LEU B 252 -16.49 -19.69 0.56
N ASP B 253 -17.18 -19.99 1.66
CA ASP B 253 -18.35 -20.82 1.46
C ASP B 253 -19.53 -19.97 1.04
N ASP B 254 -20.58 -20.66 0.60
CA ASP B 254 -21.71 -19.95 0.02
C ASP B 254 -22.38 -19.04 1.04
N GLU B 255 -22.39 -19.42 2.31
CA GLU B 255 -22.99 -18.55 3.30
C GLU B 255 -22.21 -17.26 3.41
N ASN B 256 -20.89 -17.37 3.45
CA ASN B 256 -20.11 -16.15 3.53
C ASN B 256 -20.22 -15.36 2.24
N ILE B 257 -20.24 -16.04 1.10
CA ILE B 257 -20.43 -15.32 -0.15
C ILE B 257 -21.72 -14.54 -0.10
N ARG B 258 -22.76 -15.15 0.47
CA ARG B 258 -24.02 -14.44 0.61
C ARG B 258 -23.85 -13.19 1.45
N TYR B 259 -23.18 -13.34 2.59
CA TYR B 259 -22.92 -12.18 3.42
C TYR B 259 -22.11 -11.13 2.67
N GLN B 260 -21.13 -11.55 1.86
CA GLN B 260 -20.38 -10.55 1.11
C GLN B 260 -21.29 -9.83 0.14
N ILE B 261 -22.15 -10.58 -0.54
CA ILE B 261 -23.04 -9.94 -1.50
C ILE B 261 -23.94 -8.96 -0.80
N ILE B 262 -24.52 -9.38 0.34
CA ILE B 262 -25.36 -8.47 1.11
C ILE B 262 -24.56 -7.23 1.48
N THR B 263 -23.34 -7.45 1.93
CA THR B 263 -22.46 -6.36 2.33
C THR B 263 -22.22 -5.41 1.18
N PHE B 264 -21.92 -5.96 0.00
CA PHE B 264 -21.66 -5.11 -1.16
C PHE B 264 -22.89 -4.33 -1.54
N LEU B 265 -24.05 -4.96 -1.42
CA LEU B 265 -25.29 -4.27 -1.75
C LEU B 265 -25.58 -3.17 -0.77
N ILE B 266 -25.32 -3.40 0.50
CA ILE B 266 -25.43 -2.31 1.47
C ILE B 266 -24.48 -1.19 1.10
N ALA B 267 -23.21 -1.55 0.91
CA ALA B 267 -22.19 -0.54 0.69
C ALA B 267 -22.44 0.21 -0.61
N GLY B 268 -22.88 -0.51 -1.64
CA GLY B 268 -23.00 0.11 -2.93
C GLY B 268 -24.31 0.80 -3.14
N HIS B 269 -25.16 0.79 -2.12
CA HIS B 269 -26.46 1.45 -2.19
C HIS B 269 -26.28 2.90 -1.77
N GLU B 270 -26.97 3.34 -0.72
CA GLU B 270 -26.94 4.75 -0.38
C GLU B 270 -25.61 5.22 0.15
N ILE B 271 -24.79 4.31 0.69
CA ILE B 271 -23.46 4.73 1.13
C ILE B 271 -22.69 5.29 -0.06
N THR B 272 -22.75 4.57 -1.17
CA THR B 272 -22.00 5.04 -2.33
C THR B 272 -22.76 6.13 -3.05
N SER B 273 -24.08 5.98 -3.18
CA SER B 273 -24.81 7.02 -3.89
C SER B 273 -24.71 8.32 -3.16
N GLY B 274 -24.57 8.26 -1.83
CA GLY B 274 -24.43 9.48 -1.05
C GLY B 274 -23.24 10.30 -1.51
N LEU B 275 -22.15 9.63 -1.87
CA LEU B 275 -20.99 10.36 -2.34
C LEU B 275 -21.33 11.15 -3.58
N LEU B 276 -21.98 10.51 -4.54
CA LEU B 276 -22.38 11.24 -5.73
C LEU B 276 -23.36 12.33 -5.40
N SER B 277 -24.32 12.04 -4.50
CA SER B 277 -25.31 13.05 -4.18
C SER B 277 -24.64 14.26 -3.56
N PHE B 278 -23.75 14.02 -2.61
CA PHE B 278 -23.07 15.15 -2.00
C PHE B 278 -22.13 15.81 -2.99
N ALA B 279 -21.45 15.03 -3.82
CA ALA B 279 -20.57 15.65 -4.81
C ALA B 279 -21.36 16.58 -5.70
N LEU B 280 -22.50 16.12 -6.20
CA LEU B 280 -23.30 16.96 -7.05
C LEU B 280 -23.84 18.16 -6.28
N TYR B 281 -24.27 17.94 -5.04
CA TYR B 281 -24.68 19.05 -4.20
C TYR B 281 -23.58 20.09 -4.13
N PHE B 282 -22.37 19.67 -3.80
CA PHE B 282 -21.31 20.65 -3.65
C PHE B 282 -20.97 21.29 -4.97
N LEU B 283 -21.04 20.52 -6.05
CA LEU B 283 -20.76 21.10 -7.35
C LEU B 283 -21.76 22.20 -7.67
N VAL B 284 -23.06 21.93 -7.44
CA VAL B 284 -24.04 22.95 -7.80
C VAL B 284 -23.97 24.12 -6.84
N LYS B 285 -23.48 23.90 -5.62
CA LYS B 285 -23.34 25.02 -4.69
C LYS B 285 -22.06 25.78 -4.91
N ASN B 286 -21.19 25.30 -5.77
CA ASN B 286 -19.88 25.91 -5.98
C ASN B 286 -19.65 25.97 -7.47
N PRO B 287 -20.32 26.90 -8.14
CA PRO B 287 -20.28 26.95 -9.60
C PRO B 287 -18.89 26.99 -10.18
N HIS B 288 -17.93 27.63 -9.52
CA HIS B 288 -16.60 27.66 -10.10
C HIS B 288 -15.97 26.28 -10.08
N VAL B 289 -16.25 25.53 -9.01
CA VAL B 289 -15.78 24.15 -8.94
C VAL B 289 -16.47 23.32 -10.00
N LEU B 290 -17.79 23.44 -10.09
CA LEU B 290 -18.53 22.72 -11.12
C LEU B 290 -17.93 23.03 -12.48
N GLN B 291 -17.67 24.31 -12.74
CA GLN B 291 -17.14 24.68 -14.05
C GLN B 291 -15.81 24.00 -14.30
N LYS B 292 -14.94 24.00 -13.31
CA LYS B 292 -13.64 23.36 -13.49
C LYS B 292 -13.82 21.87 -13.69
N ALA B 293 -14.73 21.26 -12.93
CA ALA B 293 -14.98 19.84 -13.10
C ALA B 293 -15.60 19.57 -14.46
N ALA B 294 -16.53 20.41 -14.87
CA ALA B 294 -17.13 20.24 -16.18
C ALA B 294 -16.12 20.45 -17.28
N GLU B 295 -15.22 21.42 -17.10
CA GLU B 295 -14.16 21.63 -18.08
C GLU B 295 -13.29 20.40 -18.20
N GLU B 296 -12.94 19.79 -17.07
CA GLU B 296 -12.16 18.57 -17.11
C GLU B 296 -12.94 17.47 -17.83
N ALA B 297 -14.20 17.28 -17.46
CA ALA B 297 -15.00 16.25 -18.08
C ALA B 297 -15.04 16.44 -19.60
N ALA B 298 -15.27 17.67 -20.04
CA ALA B 298 -15.31 17.93 -21.48
C ALA B 298 -13.97 17.66 -22.11
N ARG B 299 -12.89 18.03 -21.45
CA ARG B 299 -11.56 17.88 -22.02
C ARG B 299 -11.16 16.42 -22.08
N VAL B 300 -11.54 15.65 -21.07
CA VAL B 300 -11.06 14.29 -20.95
C VAL B 300 -11.98 13.32 -21.66
N LEU B 301 -13.28 13.51 -21.49
CA LEU B 301 -14.28 12.54 -21.96
C LEU B 301 -14.60 12.84 -23.42
N VAL B 302 -13.62 12.58 -24.27
CA VAL B 302 -13.72 12.96 -25.68
C VAL B 302 -14.45 11.93 -26.51
N ASP B 303 -14.79 10.79 -25.94
CA ASP B 303 -15.45 9.74 -26.66
C ASP B 303 -16.89 9.60 -26.20
N PRO B 304 -17.75 9.00 -27.01
CA PRO B 304 -19.17 8.89 -26.64
C PRO B 304 -19.39 8.22 -25.30
N VAL B 305 -18.57 7.24 -24.95
CA VAL B 305 -18.61 6.71 -23.59
C VAL B 305 -17.20 6.79 -23.02
N PRO B 306 -17.07 6.98 -21.72
CA PRO B 306 -15.73 7.08 -21.14
C PRO B 306 -15.08 5.72 -21.11
N SER B 307 -13.79 5.72 -21.41
CA SER B 307 -12.98 4.55 -21.18
C SER B 307 -12.51 4.56 -19.74
N TYR B 308 -12.03 3.41 -19.31
CA TYR B 308 -11.43 3.32 -18.00
C TYR B 308 -10.32 4.35 -17.86
N LYS B 309 -9.46 4.45 -18.87
CA LYS B 309 -8.32 5.36 -18.78
C LYS B 309 -8.79 6.80 -18.66
N GLN B 310 -9.84 7.17 -19.39
CA GLN B 310 -10.35 8.53 -19.27
C GLN B 310 -10.87 8.80 -17.87
N VAL B 311 -11.54 7.83 -17.27
CA VAL B 311 -12.01 8.02 -15.91
C VAL B 311 -10.84 8.29 -14.98
N LYS B 312 -9.74 7.55 -15.18
CA LYS B 312 -8.55 7.80 -14.39
C LYS B 312 -8.01 9.19 -14.60
N GLN B 313 -8.24 9.77 -15.77
CA GLN B 313 -7.74 11.09 -16.09
C GLN B 313 -8.65 12.19 -15.58
N LEU B 314 -9.79 11.84 -15.01
CA LEU B 314 -10.69 12.83 -14.40
C LEU B 314 -10.16 13.15 -13.01
N LYS B 315 -9.00 13.78 -13.01
CA LYS B 315 -8.30 14.05 -11.75
C LYS B 315 -9.11 15.00 -10.89
N TYR B 316 -9.61 16.06 -11.51
CA TYR B 316 -10.35 17.04 -10.73
C TYR B 316 -11.66 16.45 -10.24
N VAL B 317 -12.32 15.66 -11.08
CA VAL B 317 -13.51 14.98 -10.61
C VAL B 317 -13.16 14.10 -9.42
N GLY B 318 -12.03 13.42 -9.49
CA GLY B 318 -11.58 12.64 -8.34
C GLY B 318 -11.42 13.50 -7.11
N MET B 319 -10.88 14.71 -7.29
CA MET B 319 -10.70 15.62 -6.17
C MET B 319 -12.04 16.12 -5.66
N VAL B 320 -12.97 16.39 -6.58
CA VAL B 320 -14.31 16.75 -6.18
C VAL B 320 -14.91 15.68 -5.29
N LEU B 321 -14.73 14.42 -5.70
CA LEU B 321 -15.28 13.34 -4.91
C LEU B 321 -14.61 13.26 -3.55
N ASN B 322 -13.28 13.43 -3.52
CA ASN B 322 -12.61 13.39 -2.23
C ASN B 322 -13.05 14.53 -1.37
N GLU B 323 -13.28 15.69 -1.98
CA GLU B 323 -13.72 16.82 -1.20
C GLU B 323 -15.15 16.63 -0.72
N ALA B 324 -15.98 15.94 -1.50
CA ALA B 324 -17.30 15.59 -0.98
C ALA B 324 -17.19 14.56 0.13
N LEU B 325 -16.26 13.60 -0.04
CA LEU B 325 -16.00 12.66 1.03
C LEU B 325 -15.43 13.36 2.24
N ARG B 326 -14.66 14.42 2.02
CA ARG B 326 -14.17 15.13 3.18
C ARG B 326 -15.32 15.70 3.97
N LEU B 327 -16.21 16.43 3.31
CA LEU B 327 -17.21 17.14 4.08
C LEU B 327 -18.32 16.21 4.56
N TRP B 328 -18.77 15.28 3.73
CA TRP B 328 -19.89 14.43 4.11
C TRP B 328 -19.56 12.99 3.79
N PRO B 329 -18.58 12.43 4.47
CA PRO B 329 -18.26 11.02 4.25
C PRO B 329 -19.49 10.19 4.58
N THR B 330 -19.87 9.33 3.64
CA THR B 330 -21.14 8.65 3.74
C THR B 330 -21.08 7.42 4.60
N ALA B 331 -19.89 7.04 5.04
CA ALA B 331 -19.73 6.02 6.05
C ALA B 331 -19.10 6.77 7.20
N PRO B 332 -19.90 7.52 7.96
CA PRO B 332 -19.34 8.64 8.72
C PRO B 332 -18.59 8.26 9.97
N ALA B 333 -18.57 7.00 10.35
CA ALA B 333 -17.80 6.66 11.53
C ALA B 333 -17.29 5.26 11.34
N PHE B 334 -16.21 4.97 12.03
CA PHE B 334 -15.83 3.60 12.22
C PHE B 334 -15.32 3.50 13.64
N SER B 335 -15.27 2.29 14.11
CA SER B 335 -15.01 2.01 15.50
C SER B 335 -13.73 1.22 15.59
N LEU B 336 -13.00 1.48 16.64
CA LEU B 336 -11.76 0.79 16.89
C LEU B 336 -11.76 0.36 18.34
N TYR B 337 -10.93 -0.61 18.65
CA TYR B 337 -10.67 -0.91 20.03
C TYR B 337 -9.18 -1.01 20.23
N ALA B 338 -8.76 -0.67 21.43
CA ALA B 338 -7.36 -0.78 21.80
C ALA B 338 -7.00 -2.24 21.93
N LYS B 339 -5.99 -2.66 21.15
CA LYS B 339 -5.54 -4.04 21.23
C LYS B 339 -4.84 -4.29 22.55
N GLU B 340 -4.19 -3.27 23.09
CA GLU B 340 -3.56 -3.36 24.38
C GLU B 340 -3.75 -2.02 25.08
N ASP B 341 -3.45 -1.98 26.37
CA ASP B 341 -3.35 -0.71 27.06
C ASP B 341 -2.43 0.20 26.26
N THR B 342 -2.87 1.43 26.07
CA THR B 342 -2.10 2.39 25.30
C THR B 342 -2.58 3.77 25.69
N VAL B 343 -1.73 4.75 25.48
CA VAL B 343 -2.07 6.13 25.75
C VAL B 343 -2.31 6.82 24.43
N LEU B 344 -3.48 7.44 24.30
CA LEU B 344 -3.84 8.18 23.10
C LEU B 344 -3.38 9.62 23.25
N GLY B 345 -2.60 10.09 22.29
CA GLY B 345 -2.22 11.49 22.24
C GLY B 345 -1.49 11.96 23.47
N GLY B 346 -0.82 11.06 24.17
CA GLY B 346 -0.08 11.41 25.37
C GLY B 346 -0.93 11.91 26.51
N GLU B 347 -2.25 11.79 26.39
CA GLU B 347 -3.14 12.40 27.37
C GLU B 347 -4.20 11.43 27.85
N TYR B 348 -4.60 10.48 26.99
CA TYR B 348 -5.78 9.67 27.23
C TYR B 348 -5.38 8.21 27.33
N PRO B 349 -5.14 7.72 28.55
CA PRO B 349 -4.82 6.31 28.73
C PRO B 349 -6.04 5.47 28.38
N LEU B 350 -5.82 4.45 27.57
CA LEU B 350 -6.85 3.51 27.20
C LEU B 350 -6.46 2.15 27.72
N GLU B 351 -7.45 1.40 28.18
CA GLU B 351 -7.22 0.02 28.53
C GLU B 351 -7.48 -0.85 27.31
N LYS B 352 -6.79 -1.98 27.26
CA LYS B 352 -7.08 -2.97 26.24
C LYS B 352 -8.58 -3.17 26.13
N GLY B 353 -9.07 -3.16 24.90
CA GLY B 353 -10.46 -3.33 24.63
C GLY B 353 -11.27 -2.05 24.64
N ASP B 354 -10.69 -0.94 25.11
CA ASP B 354 -11.42 0.32 25.10
C ASP B 354 -11.73 0.69 23.67
N GLU B 355 -12.95 1.17 23.47
CA GLU B 355 -13.42 1.45 22.14
C GLU B 355 -13.26 2.93 21.80
N LEU B 356 -12.99 3.19 20.53
CA LEU B 356 -12.97 4.53 19.98
C LEU B 356 -13.93 4.55 18.81
N MET B 357 -14.55 5.69 18.61
CA MET B 357 -15.27 5.95 17.38
C MET B 357 -14.52 7.04 16.67
N VAL B 358 -14.26 6.85 15.40
CA VAL B 358 -13.67 7.91 14.59
C VAL B 358 -14.83 8.61 13.92
N LEU B 359 -15.04 9.86 14.30
CA LEU B 359 -16.14 10.65 13.76
C LEU B 359 -15.59 11.32 12.51
N ILE B 360 -15.75 10.65 11.40
CA ILE B 360 -15.06 11.07 10.18
C ILE B 360 -15.41 12.48 9.74
N PRO B 361 -16.68 12.89 9.71
CA PRO B 361 -16.95 14.24 9.23
C PRO B 361 -16.28 15.28 10.08
N GLN B 362 -16.09 14.98 11.35
CA GLN B 362 -15.47 15.96 12.21
C GLN B 362 -13.96 15.92 12.07
N LEU B 363 -13.39 14.72 11.93
CA LEU B 363 -11.99 14.63 11.57
C LEU B 363 -11.70 15.48 10.35
N HIS B 364 -12.58 15.41 9.38
CA HIS B 364 -12.36 16.10 8.12
C HIS B 364 -12.62 17.56 8.23
N ARG B 365 -13.03 18.03 9.39
CA ARG B 365 -13.19 19.45 9.66
C ARG B 365 -12.13 19.95 10.60
N ASP B 366 -11.07 19.18 10.79
CA ASP B 366 -10.02 19.56 11.72
C ASP B 366 -9.29 20.75 11.11
N LYS B 367 -9.50 21.92 11.68
CA LYS B 367 -8.90 23.10 11.09
C LYS B 367 -7.39 23.07 11.17
N THR B 368 -6.83 22.29 12.09
CA THR B 368 -5.38 22.24 12.16
C THR B 368 -4.82 21.54 10.94
N ILE B 369 -5.64 20.77 10.25
CA ILE B 369 -5.23 20.06 9.05
C ILE B 369 -5.57 20.85 7.81
N TRP B 370 -6.82 21.27 7.74
CA TRP B 370 -7.37 21.78 6.49
C TRP B 370 -7.37 23.29 6.44
N GLY B 371 -7.12 23.96 7.55
CA GLY B 371 -7.21 25.39 7.59
C GLY B 371 -8.59 25.84 8.00
N ASP B 372 -8.74 27.16 8.12
CA ASP B 372 -9.98 27.68 8.67
C ASP B 372 -11.14 27.54 7.70
N ASP B 373 -10.86 27.35 6.41
CA ASP B 373 -11.92 27.25 5.42
C ASP B 373 -12.50 25.84 5.33
N VAL B 374 -12.46 25.08 6.44
CA VAL B 374 -12.82 23.67 6.41
C VAL B 374 -14.20 23.41 5.82
N GLU B 375 -15.12 24.35 5.99
CA GLU B 375 -16.46 24.13 5.49
C GLU B 375 -16.58 24.39 4.01
N GLU B 376 -15.58 25.02 3.41
CA GLU B 376 -15.65 25.35 2.01
C GLU B 376 -15.32 24.12 1.19
N PHE B 377 -15.93 24.04 0.02
CA PHE B 377 -15.74 22.92 -0.88
C PHE B 377 -14.65 23.31 -1.86
N ARG B 378 -13.46 22.77 -1.64
CA ARG B 378 -12.29 23.16 -2.40
C ARG B 378 -11.60 21.87 -2.78
N PRO B 379 -11.98 21.27 -3.90
CA PRO B 379 -11.36 20.00 -4.29
C PRO B 379 -9.86 20.10 -4.37
N GLU B 380 -9.33 21.30 -4.63
CA GLU B 380 -7.90 21.49 -4.77
C GLU B 380 -7.14 21.09 -3.51
N ARG B 381 -7.83 20.94 -2.39
CA ARG B 381 -7.16 20.42 -1.20
C ARG B 381 -6.53 19.06 -1.46
N PHE B 382 -7.01 18.35 -2.46
CA PHE B 382 -6.57 16.99 -2.74
C PHE B 382 -5.62 16.92 -3.93
N GLU B 383 -5.04 18.06 -4.31
CA GLU B 383 -4.14 18.03 -5.45
C GLU B 383 -2.94 17.13 -5.20
N ASN B 384 -2.56 16.94 -3.93
CA ASN B 384 -1.36 16.18 -3.60
C ASN B 384 -1.60 15.41 -2.31
N PRO B 385 -1.82 14.09 -2.40
CA PRO B 385 -1.97 13.30 -1.16
C PRO B 385 -0.81 13.44 -0.21
N SER B 386 0.39 13.78 -0.71
CA SER B 386 1.52 13.88 0.20
C SER B 386 1.43 15.11 1.08
N ALA B 387 0.64 16.10 0.67
CA ALA B 387 0.47 17.31 1.45
C ALA B 387 -0.64 17.16 2.47
N ILE B 388 -1.28 16.00 2.54
CA ILE B 388 -2.34 15.75 3.49
C ILE B 388 -1.74 14.94 4.63
N PRO B 389 -1.78 15.41 5.86
CA PRO B 389 -1.16 14.70 6.96
C PRO B 389 -1.74 13.29 7.08
N GLN B 390 -0.95 12.42 7.68
CA GLN B 390 -1.37 11.04 7.82
C GLN B 390 -2.70 11.00 8.55
N HIS B 391 -3.61 10.20 8.01
CA HIS B 391 -4.87 9.88 8.66
C HIS B 391 -5.76 11.08 8.82
N ALA B 392 -5.49 12.14 8.09
CA ALA B 392 -6.37 13.30 8.12
C ALA B 392 -7.64 13.04 7.35
N PHE B 393 -7.61 12.09 6.43
CA PHE B 393 -8.69 11.92 5.48
C PHE B 393 -8.99 10.43 5.47
N LYS B 394 -10.11 10.06 6.08
CA LYS B 394 -10.38 8.66 6.32
C LYS B 394 -11.77 8.27 5.89
N PRO B 395 -12.26 8.73 4.73
CA PRO B 395 -13.64 8.38 4.37
C PRO B 395 -13.81 6.91 4.09
N PHE B 396 -12.72 6.21 3.85
CA PHE B 396 -12.78 4.78 3.57
C PHE B 396 -12.19 3.96 4.70
N GLY B 397 -12.13 4.53 5.89
CA GLY B 397 -11.68 3.76 7.02
C GLY B 397 -10.19 3.60 6.99
N ASN B 398 -9.73 2.56 7.64
CA ASN B 398 -8.31 2.53 7.95
C ASN B 398 -7.72 1.15 7.75
N GLY B 399 -6.53 1.15 7.15
CA GLY B 399 -5.65 0.00 7.23
C GLY B 399 -6.24 -1.20 6.54
N GLN B 400 -5.99 -2.37 7.12
CA GLN B 400 -6.47 -3.58 6.47
C GLN B 400 -7.98 -3.68 6.53
N ARG B 401 -8.62 -2.88 7.39
CA ARG B 401 -10.07 -2.82 7.45
C ARG B 401 -10.62 -1.64 6.71
N ALA B 402 -9.81 -1.05 5.84
CA ALA B 402 -10.30 0.02 5.02
C ALA B 402 -11.27 -0.53 4.01
N CYS B 403 -12.02 0.38 3.43
CA CYS B 403 -13.04 0.00 2.47
C CYS B 403 -12.44 -0.77 1.33
N ILE B 404 -12.86 -2.01 1.17
CA ILE B 404 -12.38 -2.75 0.03
C ILE B 404 -12.98 -2.19 -1.23
N GLY B 405 -14.13 -1.54 -1.11
CA GLY B 405 -14.85 -1.00 -2.24
C GLY B 405 -14.40 0.36 -2.68
N GLN B 406 -13.33 0.89 -2.09
CA GLN B 406 -12.97 2.29 -2.33
C GLN B 406 -12.74 2.54 -3.82
N GLN B 407 -11.93 1.70 -4.46
CA GLN B 407 -11.64 1.93 -5.87
C GLN B 407 -12.92 1.76 -6.69
N PHE B 408 -13.74 0.78 -6.32
CA PHE B 408 -14.99 0.56 -7.03
C PHE B 408 -15.87 1.78 -6.89
N ALA B 409 -16.07 2.24 -5.66
CA ALA B 409 -16.93 3.40 -5.44
C ALA B 409 -16.40 4.60 -6.16
N LEU B 410 -15.09 4.85 -6.09
CA LEU B 410 -14.56 6.04 -6.71
C LEU B 410 -14.58 5.92 -8.21
N HIS B 411 -14.40 4.72 -8.74
CA HIS B 411 -14.44 4.60 -10.17
C HIS B 411 -15.85 4.84 -10.69
N GLU B 412 -16.84 4.18 -10.11
CA GLU B 412 -18.20 4.41 -10.54
C GLU B 412 -18.61 5.84 -10.33
N ALA B 413 -18.19 6.43 -9.21
CA ALA B 413 -18.58 7.81 -8.97
C ALA B 413 -17.90 8.76 -9.93
N THR B 414 -16.61 8.54 -10.18
CA THR B 414 -15.91 9.41 -11.10
C THR B 414 -16.47 9.27 -12.50
N LEU B 415 -16.73 8.04 -12.91
CA LEU B 415 -17.30 7.79 -14.23
C LEU B 415 -18.60 8.56 -14.40
N VAL B 416 -19.56 8.31 -13.51
CA VAL B 416 -20.87 8.91 -13.76
C VAL B 416 -20.83 10.40 -13.52
N LEU B 417 -20.06 10.85 -12.54
CA LEU B 417 -19.95 12.28 -12.33
C LEU B 417 -19.31 12.93 -13.55
N GLY B 418 -18.26 12.31 -14.08
CA GLY B 418 -17.66 12.82 -15.30
C GLY B 418 -18.67 12.90 -16.42
N MET B 419 -19.45 11.83 -16.58
CA MET B 419 -20.45 11.84 -17.64
C MET B 419 -21.51 12.89 -17.37
N MET B 420 -21.95 13.00 -16.12
CA MET B 420 -22.93 14.02 -15.79
C MET B 420 -22.39 15.39 -16.13
N LEU B 421 -21.13 15.65 -15.78
CA LEU B 421 -20.54 16.95 -16.03
C LEU B 421 -20.32 17.18 -17.51
N LYS B 422 -20.05 16.11 -18.26
CA LYS B 422 -19.91 16.23 -19.69
C LYS B 422 -21.24 16.56 -20.32
N HIS B 423 -22.31 15.95 -19.84
CA HIS B 423 -23.51 15.91 -20.63
C HIS B 423 -24.54 16.94 -20.24
N PHE B 424 -24.43 17.53 -19.07
CA PHE B 424 -25.46 18.42 -18.61
C PHE B 424 -24.85 19.62 -17.95
N ASP B 425 -25.57 20.73 -18.07
CA ASP B 425 -25.39 21.84 -17.17
C ASP B 425 -26.42 21.68 -16.07
N PHE B 426 -26.01 22.00 -14.85
CA PHE B 426 -26.84 21.71 -13.70
C PHE B 426 -27.32 23.01 -13.08
N GLU B 427 -28.55 22.98 -12.62
CA GLU B 427 -29.14 24.13 -11.99
C GLU B 427 -29.63 23.70 -10.63
N ASP B 428 -29.17 24.39 -9.60
CA ASP B 428 -29.74 24.28 -8.27
C ASP B 428 -31.02 25.11 -8.26
N HIS B 429 -32.03 24.58 -8.93
CA HIS B 429 -33.17 25.42 -9.26
C HIS B 429 -34.02 25.77 -8.04
N THR B 430 -33.93 25.00 -6.96
CA THR B 430 -34.65 25.32 -5.74
C THR B 430 -33.78 26.03 -4.72
N ASN B 431 -32.52 26.31 -5.05
CA ASN B 431 -31.56 26.79 -4.07
C ASN B 431 -31.62 25.86 -2.85
N TYR B 432 -31.35 24.62 -3.13
CA TYR B 432 -31.63 23.56 -2.19
C TYR B 432 -30.89 23.80 -0.89
N GLU B 433 -31.61 23.67 0.22
CA GLU B 433 -31.03 23.81 1.53
C GLU B 433 -30.61 22.43 1.99
N LEU B 434 -29.31 22.26 2.18
CA LEU B 434 -28.76 20.98 2.60
C LEU B 434 -29.46 20.49 3.84
N ASP B 435 -30.04 19.31 3.73
CA ASP B 435 -30.73 18.65 4.82
C ASP B 435 -30.22 17.23 4.74
N ILE B 436 -29.36 16.87 5.67
CA ILE B 436 -28.70 15.59 5.60
C ILE B 436 -29.50 14.58 6.40
N LYS B 437 -30.18 13.71 5.68
CA LYS B 437 -30.93 12.64 6.30
C LYS B 437 -29.95 11.56 6.69
N GLU B 438 -30.12 11.05 7.89
CA GLU B 438 -29.22 10.04 8.41
C GLU B 438 -29.94 8.72 8.50
N THR B 439 -29.35 7.72 7.89
CA THR B 439 -29.65 6.33 8.16
C THR B 439 -28.42 5.74 8.84
N LEU B 440 -27.88 4.63 8.39
CA LEU B 440 -26.50 4.41 8.75
C LEU B 440 -25.55 5.18 7.84
N THR B 441 -26.08 5.80 6.80
CA THR B 441 -25.32 6.68 5.93
C THR B 441 -25.95 8.07 5.95
N LEU B 442 -25.47 8.93 5.07
CA LEU B 442 -25.90 10.30 4.97
C LEU B 442 -26.32 10.57 3.54
N LYS B 443 -27.32 11.42 3.40
CA LYS B 443 -27.90 11.71 2.13
C LYS B 443 -28.35 13.16 2.18
N PRO B 444 -28.10 13.94 1.15
CA PRO B 444 -28.72 15.27 1.09
C PRO B 444 -30.16 15.09 0.69
N GLU B 445 -31.01 14.94 1.71
CA GLU B 445 -32.40 14.59 1.49
C GLU B 445 -33.07 15.67 0.67
N GLY B 446 -33.83 15.24 -0.33
CA GLY B 446 -34.57 16.20 -1.11
C GLY B 446 -33.74 17.00 -2.06
N PHE B 447 -32.47 16.66 -2.20
CA PHE B 447 -31.61 17.39 -3.12
C PHE B 447 -32.10 17.16 -4.54
N VAL B 448 -32.47 18.25 -5.18
CA VAL B 448 -32.99 18.20 -6.53
C VAL B 448 -32.21 19.20 -7.34
N VAL B 449 -32.05 18.89 -8.61
CA VAL B 449 -31.41 19.78 -9.56
C VAL B 449 -32.20 19.67 -10.83
N LYS B 450 -31.96 20.60 -11.73
CA LYS B 450 -32.34 20.46 -13.11
C LYS B 450 -31.07 20.29 -13.92
N ALA B 451 -31.11 19.39 -14.88
CA ALA B 451 -29.94 19.12 -15.71
C ALA B 451 -30.36 19.46 -17.12
N LYS B 452 -29.81 20.54 -17.64
CA LYS B 452 -30.05 20.93 -19.02
C LYS B 452 -29.01 20.24 -19.87
N SER B 453 -29.47 19.40 -20.80
CA SER B 453 -28.53 18.62 -21.58
C SER B 453 -27.70 19.53 -22.47
N LYS B 454 -26.42 19.23 -22.56
CA LYS B 454 -25.57 19.85 -23.55
C LYS B 454 -25.72 19.20 -24.90
N LYS B 455 -26.59 18.18 -25.01
CA LYS B 455 -26.92 17.61 -26.31
C LYS B 455 -25.71 16.94 -26.96
N ILE B 456 -24.89 16.30 -26.13
CA ILE B 456 -23.72 15.56 -26.59
C ILE B 456 -24.10 14.09 -26.65
N PRO B 457 -24.05 13.45 -27.81
CA PRO B 457 -24.55 12.08 -27.91
C PRO B 457 -23.62 11.10 -27.21
N LEU B 458 -24.21 9.97 -26.82
CA LEU B 458 -23.47 8.85 -26.25
C LEU B 458 -23.13 7.87 -27.36
#